data_4N7H
# 
_entry.id   4N7H 
# 
_audit_conform.dict_name       mmcif_pdbx.dic 
_audit_conform.dict_version    5.387 
_audit_conform.dict_location   http://mmcif.pdb.org/dictionaries/ascii/mmcif_pdbx.dic 
# 
loop_
_database_2.database_id 
_database_2.database_code 
_database_2.pdbx_database_accession 
_database_2.pdbx_DOI 
PDB   4N7H         pdb_00004n7h 10.2210/pdb4n7h/pdb 
RCSB  RCSB082848   ?            ?                   
WWPDB D_1000082848 ?            ?                   
# 
loop_
_pdbx_audit_revision_history.ordinal 
_pdbx_audit_revision_history.data_content_type 
_pdbx_audit_revision_history.major_revision 
_pdbx_audit_revision_history.minor_revision 
_pdbx_audit_revision_history.revision_date 
1 'Structure model' 1 0 2014-01-08 
2 'Structure model' 1 1 2014-02-05 
3 'Structure model' 1 2 2014-10-08 
4 'Structure model' 1 3 2024-02-28 
# 
_pdbx_audit_revision_details.ordinal             1 
_pdbx_audit_revision_details.revision_ordinal    1 
_pdbx_audit_revision_details.data_content_type   'Structure model' 
_pdbx_audit_revision_details.provider            repository 
_pdbx_audit_revision_details.type                'Initial release' 
_pdbx_audit_revision_details.description         ? 
_pdbx_audit_revision_details.details             ? 
# 
loop_
_pdbx_audit_revision_group.ordinal 
_pdbx_audit_revision_group.revision_ordinal 
_pdbx_audit_revision_group.data_content_type 
_pdbx_audit_revision_group.group 
1 2 'Structure model' 'Database references'  
2 3 'Structure model' 'Database references'  
3 4 'Structure model' 'Data collection'      
4 4 'Structure model' 'Database references'  
5 4 'Structure model' 'Derived calculations' 
# 
loop_
_pdbx_audit_revision_category.ordinal 
_pdbx_audit_revision_category.revision_ordinal 
_pdbx_audit_revision_category.data_content_type 
_pdbx_audit_revision_category.category 
1 4 'Structure model' chem_comp_atom     
2 4 'Structure model' chem_comp_bond     
3 4 'Structure model' database_2         
4 4 'Structure model' struct_ref_seq_dif 
5 4 'Structure model' struct_site        
# 
loop_
_pdbx_audit_revision_item.ordinal 
_pdbx_audit_revision_item.revision_ordinal 
_pdbx_audit_revision_item.data_content_type 
_pdbx_audit_revision_item.item 
1 4 'Structure model' '_database_2.pdbx_DOI'                
2 4 'Structure model' '_database_2.pdbx_database_accession' 
3 4 'Structure model' '_struct_ref_seq_dif.details'         
4 4 'Structure model' '_struct_site.pdbx_auth_asym_id'      
5 4 'Structure model' '_struct_site.pdbx_auth_comp_id'      
6 4 'Structure model' '_struct_site.pdbx_auth_seq_id'       
# 
_pdbx_database_status.entry_id                        4N7H 
_pdbx_database_status.deposit_site                    RCSB 
_pdbx_database_status.process_site                    RCSB 
_pdbx_database_status.recvd_initial_deposition_date   2013-10-15 
_pdbx_database_status.status_code                     REL 
_pdbx_database_status.status_code_sf                  REL 
_pdbx_database_status.status_code_mr                  ? 
_pdbx_database_status.SG_entry                        ? 
_pdbx_database_status.status_code_cs                  ? 
_pdbx_database_status.methods_development_category    ? 
_pdbx_database_status.pdb_format_compatible           Y 
_pdbx_database_status.status_code_nmr_data            ? 
# 
_pdbx_database_related.db_name        PDB 
_pdbx_database_related.db_id          4N7F 
_pdbx_database_related.details        . 
_pdbx_database_related.content_type   unspecified 
# 
loop_
_audit_author.name 
_audit_author.pdbx_ordinal 
'Qi, S.'        1 
;O'Hayre, M.
;
2 
'Gutkind, J.S.' 3 
'Hurley, J.'    4 
# 
_citation.id                        primary 
_citation.title                     
'Structural and biochemical basis for ubiquitin ligase recruitment by arrestin-related domain-containing protein-3 (ARRDC3).' 
_citation.journal_abbrev            J.Biol.Chem. 
_citation.journal_volume            289 
_citation.page_first                4743 
_citation.page_last                 4752 
_citation.year                      2014 
_citation.journal_id_ASTM           JBCHA3 
_citation.country                   US 
_citation.journal_id_ISSN           0021-9258 
_citation.journal_id_CSD            0071 
_citation.book_publisher            ? 
_citation.pdbx_database_id_PubMed   24379409 
_citation.pdbx_database_id_DOI      10.1074/jbc.M113.527473 
# 
loop_
_citation_author.citation_id 
_citation_author.name 
_citation_author.ordinal 
_citation_author.identifier_ORCID 
primary 'Qi, S.'        1 ? 
primary 
;O'Hayre, M.
;
2 ? 
primary 'Gutkind, J.S.' 3 ? 
primary 'Hurley, J.H.'  4 ? 
# 
loop_
_entity.id 
_entity.type 
_entity.src_method 
_entity.pdbx_description 
_entity.formula_weight 
_entity.pdbx_number_of_molecules 
_entity.pdbx_ec 
_entity.pdbx_mutation 
_entity.pdbx_fragment 
_entity.details 
1 polymer     man 'E3 ubiquitin-protein ligase NEDD4'    4261.756 1  ? ? '3rd WW domain (UNP residues 840-872)'  ? 
2 polymer     syn 'Arrestin domain-containing protein 3' 1416.554 1  ? ? '1st PPXY Motif (UNP residues 342-354)' ? 
3 non-polymer syn GUANIDINE                              59.070   2  ? ? ?                                       ? 
4 water       nat water                                  18.015   31 ? ? ?                                       ? 
# 
loop_
_entity_name_com.entity_id 
_entity_name_com.name 
1 'Cell proliferation-inducing gene 53 protein, Neural precursor cell expressed developmentally down-regulated protein 4, NEDD-4' 
2 'TBP-2-like inducible membrane protein, TLIMP'                                                                                  
# 
loop_
_entity_poly.entity_id 
_entity_poly.type 
_entity_poly.nstd_linkage 
_entity_poly.nstd_monomer 
_entity_poly.pdbx_seq_one_letter_code 
_entity_poly.pdbx_seq_one_letter_code_can 
_entity_poly.pdbx_strand_id 
_entity_poly.pdbx_target_identifier 
1 'polypeptide(L)' no no AMGSGFLPKGWEVRHAPNGRPFFIDHNTKTTTWEDPR AMGSGFLPKGWEVRHAPNGRPFFIDHNTKTTTWEDPR A ? 
2 'polypeptide(L)' no no RPEAPPSYAEVVT                         RPEAPPSYAEVVT                         B ? 
# 
loop_
_pdbx_entity_nonpoly.entity_id 
_pdbx_entity_nonpoly.name 
_pdbx_entity_nonpoly.comp_id 
3 GUANIDINE GAI 
4 water     HOH 
# 
loop_
_entity_poly_seq.entity_id 
_entity_poly_seq.num 
_entity_poly_seq.mon_id 
_entity_poly_seq.hetero 
1 1  ALA n 
1 2  MET n 
1 3  GLY n 
1 4  SER n 
1 5  GLY n 
1 6  PHE n 
1 7  LEU n 
1 8  PRO n 
1 9  LYS n 
1 10 GLY n 
1 11 TRP n 
1 12 GLU n 
1 13 VAL n 
1 14 ARG n 
1 15 HIS n 
1 16 ALA n 
1 17 PRO n 
1 18 ASN n 
1 19 GLY n 
1 20 ARG n 
1 21 PRO n 
1 22 PHE n 
1 23 PHE n 
1 24 ILE n 
1 25 ASP n 
1 26 HIS n 
1 27 ASN n 
1 28 THR n 
1 29 LYS n 
1 30 THR n 
1 31 THR n 
1 32 THR n 
1 33 TRP n 
1 34 GLU n 
1 35 ASP n 
1 36 PRO n 
1 37 ARG n 
2 1  ARG n 
2 2  PRO n 
2 3  GLU n 
2 4  ALA n 
2 5  PRO n 
2 6  PRO n 
2 7  SER n 
2 8  TYR n 
2 9  ALA n 
2 10 GLU n 
2 11 VAL n 
2 12 VAL n 
2 13 THR n 
# 
_entity_src_gen.entity_id                          1 
_entity_src_gen.pdbx_src_id                        1 
_entity_src_gen.pdbx_alt_source_flag               sample 
_entity_src_gen.pdbx_seq_type                      ? 
_entity_src_gen.pdbx_beg_seq_num                   ? 
_entity_src_gen.pdbx_end_seq_num                   ? 
_entity_src_gen.gene_src_common_name               human 
_entity_src_gen.gene_src_genus                     ? 
_entity_src_gen.pdbx_gene_src_gene                 'KIAA0093, NEDD4, NEDD4-1, PIG53' 
_entity_src_gen.gene_src_species                   ? 
_entity_src_gen.gene_src_strain                    ? 
_entity_src_gen.gene_src_tissue                    ? 
_entity_src_gen.gene_src_tissue_fraction           ? 
_entity_src_gen.gene_src_details                   ? 
_entity_src_gen.pdbx_gene_src_fragment             ? 
_entity_src_gen.pdbx_gene_src_scientific_name      'Homo sapiens' 
_entity_src_gen.pdbx_gene_src_ncbi_taxonomy_id     9606 
_entity_src_gen.pdbx_gene_src_variant              ? 
_entity_src_gen.pdbx_gene_src_cell_line            ? 
_entity_src_gen.pdbx_gene_src_atcc                 ? 
_entity_src_gen.pdbx_gene_src_organ                ? 
_entity_src_gen.pdbx_gene_src_organelle            ? 
_entity_src_gen.pdbx_gene_src_cell                 ? 
_entity_src_gen.pdbx_gene_src_cellular_location    ? 
_entity_src_gen.host_org_common_name               ? 
_entity_src_gen.pdbx_host_org_scientific_name      'Escherichia coli' 
_entity_src_gen.pdbx_host_org_ncbi_taxonomy_id     469008 
_entity_src_gen.host_org_genus                     ? 
_entity_src_gen.pdbx_host_org_gene                 ? 
_entity_src_gen.pdbx_host_org_organ                ? 
_entity_src_gen.host_org_species                   ? 
_entity_src_gen.pdbx_host_org_tissue               ? 
_entity_src_gen.pdbx_host_org_tissue_fraction      ? 
_entity_src_gen.pdbx_host_org_strain               'Bl21(DE3)' 
_entity_src_gen.pdbx_host_org_variant              ? 
_entity_src_gen.pdbx_host_org_cell_line            ? 
_entity_src_gen.pdbx_host_org_atcc                 ? 
_entity_src_gen.pdbx_host_org_culture_collection   ? 
_entity_src_gen.pdbx_host_org_cell                 ? 
_entity_src_gen.pdbx_host_org_organelle            ? 
_entity_src_gen.pdbx_host_org_cellular_location    ? 
_entity_src_gen.pdbx_host_org_vector_type          plasmid 
_entity_src_gen.pdbx_host_org_vector               ? 
_entity_src_gen.host_org_details                   ? 
_entity_src_gen.expression_system_id               ? 
_entity_src_gen.plasmid_name                       pGST-parallel2 
_entity_src_gen.plasmid_details                    ? 
_entity_src_gen.pdbx_description                   ? 
# 
_pdbx_entity_src_syn.entity_id              2 
_pdbx_entity_src_syn.pdbx_src_id            1 
_pdbx_entity_src_syn.pdbx_alt_source_flag   sample 
_pdbx_entity_src_syn.pdbx_beg_seq_num       ? 
_pdbx_entity_src_syn.pdbx_end_seq_num       ? 
_pdbx_entity_src_syn.organism_scientific    'Homo sapiens' 
_pdbx_entity_src_syn.organism_common_name   human 
_pdbx_entity_src_syn.ncbi_taxonomy_id       9606 
_pdbx_entity_src_syn.details                ? 
# 
loop_
_chem_comp.id 
_chem_comp.type 
_chem_comp.mon_nstd_flag 
_chem_comp.name 
_chem_comp.pdbx_synonyms 
_chem_comp.formula 
_chem_comp.formula_weight 
ALA 'L-peptide linking' y ALANINE         ? 'C3 H7 N O2'     89.093  
ARG 'L-peptide linking' y ARGININE        ? 'C6 H15 N4 O2 1' 175.209 
ASN 'L-peptide linking' y ASPARAGINE      ? 'C4 H8 N2 O3'    132.118 
ASP 'L-peptide linking' y 'ASPARTIC ACID' ? 'C4 H7 N O4'     133.103 
GAI non-polymer         . GUANIDINE       ? 'C H5 N3'        59.070  
GLU 'L-peptide linking' y 'GLUTAMIC ACID' ? 'C5 H9 N O4'     147.129 
GLY 'peptide linking'   y GLYCINE         ? 'C2 H5 N O2'     75.067  
HIS 'L-peptide linking' y HISTIDINE       ? 'C6 H10 N3 O2 1' 156.162 
HOH non-polymer         . WATER           ? 'H2 O'           18.015  
ILE 'L-peptide linking' y ISOLEUCINE      ? 'C6 H13 N O2'    131.173 
LEU 'L-peptide linking' y LEUCINE         ? 'C6 H13 N O2'    131.173 
LYS 'L-peptide linking' y LYSINE          ? 'C6 H15 N2 O2 1' 147.195 
MET 'L-peptide linking' y METHIONINE      ? 'C5 H11 N O2 S'  149.211 
PHE 'L-peptide linking' y PHENYLALANINE   ? 'C9 H11 N O2'    165.189 
PRO 'L-peptide linking' y PROLINE         ? 'C5 H9 N O2'     115.130 
SER 'L-peptide linking' y SERINE          ? 'C3 H7 N O3'     105.093 
THR 'L-peptide linking' y THREONINE       ? 'C4 H9 N O3'     119.119 
TRP 'L-peptide linking' y TRYPTOPHAN      ? 'C11 H12 N2 O2'  204.225 
TYR 'L-peptide linking' y TYROSINE        ? 'C9 H11 N O3'    181.189 
VAL 'L-peptide linking' y VALINE          ? 'C5 H11 N O2'    117.146 
# 
loop_
_pdbx_poly_seq_scheme.asym_id 
_pdbx_poly_seq_scheme.entity_id 
_pdbx_poly_seq_scheme.seq_id 
_pdbx_poly_seq_scheme.mon_id 
_pdbx_poly_seq_scheme.ndb_seq_num 
_pdbx_poly_seq_scheme.pdb_seq_num 
_pdbx_poly_seq_scheme.auth_seq_num 
_pdbx_poly_seq_scheme.pdb_mon_id 
_pdbx_poly_seq_scheme.auth_mon_id 
_pdbx_poly_seq_scheme.pdb_strand_id 
_pdbx_poly_seq_scheme.pdb_ins_code 
_pdbx_poly_seq_scheme.hetero 
A 1 1  ALA 1  417 ?   ?   ?   A . n 
A 1 2  MET 2  418 ?   ?   ?   A . n 
A 1 3  GLY 3  419 ?   ?   ?   A . n 
A 1 4  SER 4  420 ?   ?   ?   A . n 
A 1 5  GLY 5  421 421 GLY GLY A . n 
A 1 6  PHE 6  422 422 PHE PHE A . n 
A 1 7  LEU 7  423 423 LEU LEU A . n 
A 1 8  PRO 8  424 424 PRO PRO A . n 
A 1 9  LYS 9  425 425 LYS LYS A . n 
A 1 10 GLY 10 426 426 GLY GLY A . n 
A 1 11 TRP 11 427 427 TRP TRP A . n 
A 1 12 GLU 12 428 428 GLU GLU A . n 
A 1 13 VAL 13 429 429 VAL VAL A . n 
A 1 14 ARG 14 430 430 ARG ARG A . n 
A 1 15 HIS 15 431 431 HIS HIS A . n 
A 1 16 ALA 16 432 432 ALA ALA A . n 
A 1 17 PRO 17 433 433 PRO PRO A . n 
A 1 18 ASN 18 434 434 ASN ASN A . n 
A 1 19 GLY 19 435 435 GLY GLY A . n 
A 1 20 ARG 20 436 436 ARG ARG A . n 
A 1 21 PRO 21 437 437 PRO PRO A . n 
A 1 22 PHE 22 438 438 PHE PHE A . n 
A 1 23 PHE 23 439 439 PHE PHE A . n 
A 1 24 ILE 24 440 440 ILE ILE A . n 
A 1 25 ASP 25 441 441 ASP ASP A . n 
A 1 26 HIS 26 442 442 HIS HIS A . n 
A 1 27 ASN 27 443 443 ASN ASN A . n 
A 1 28 THR 28 444 444 THR THR A . n 
A 1 29 LYS 29 445 445 LYS LYS A . n 
A 1 30 THR 30 446 446 THR THR A . n 
A 1 31 THR 31 447 447 THR THR A . n 
A 1 32 THR 32 448 448 THR THR A . n 
A 1 33 TRP 33 449 449 TRP TRP A . n 
A 1 34 GLU 34 450 450 GLU GLU A . n 
A 1 35 ASP 35 451 451 ASP ASP A . n 
A 1 36 PRO 36 452 452 PRO PRO A . n 
A 1 37 ARG 37 453 453 ARG ARG A . n 
B 2 1  ARG 1  342 ?   ?   ?   B . n 
B 2 2  PRO 2  343 ?   ?   ?   B . n 
B 2 3  GLU 3  344 344 GLU GLU B . n 
B 2 4  ALA 4  345 345 ALA ALA B . n 
B 2 5  PRO 5  346 346 PRO PRO B . n 
B 2 6  PRO 6  347 347 PRO PRO B . n 
B 2 7  SER 7  348 348 SER SER B . n 
B 2 8  TYR 8  349 349 TYR TYR B . n 
B 2 9  ALA 9  350 350 ALA ALA B . n 
B 2 10 GLU 10 351 351 GLU GLU B . n 
B 2 11 VAL 11 352 352 VAL VAL B . n 
B 2 12 VAL 12 353 ?   ?   ?   B . n 
B 2 13 THR 13 354 ?   ?   ?   B . n 
# 
loop_
_pdbx_nonpoly_scheme.asym_id 
_pdbx_nonpoly_scheme.entity_id 
_pdbx_nonpoly_scheme.mon_id 
_pdbx_nonpoly_scheme.ndb_seq_num 
_pdbx_nonpoly_scheme.pdb_seq_num 
_pdbx_nonpoly_scheme.auth_seq_num 
_pdbx_nonpoly_scheme.pdb_mon_id 
_pdbx_nonpoly_scheme.auth_mon_id 
_pdbx_nonpoly_scheme.pdb_strand_id 
_pdbx_nonpoly_scheme.pdb_ins_code 
C 3 GAI 1  501 1  GAI GAI A . 
D 3 GAI 1  502 2  GAI GAI A . 
E 4 HOH 1  601 2  HOH HOH A . 
E 4 HOH 2  602 3  HOH HOH A . 
E 4 HOH 3  603 4  HOH HOH A . 
E 4 HOH 4  604 6  HOH HOH A . 
E 4 HOH 5  605 8  HOH HOH A . 
E 4 HOH 6  606 9  HOH HOH A . 
E 4 HOH 7  607 10 HOH HOH A . 
E 4 HOH 8  608 11 HOH HOH A . 
E 4 HOH 9  609 12 HOH HOH A . 
E 4 HOH 10 610 13 HOH HOH A . 
E 4 HOH 11 611 16 HOH HOH A . 
E 4 HOH 12 612 17 HOH HOH A . 
E 4 HOH 13 613 19 HOH HOH A . 
E 4 HOH 14 614 20 HOH HOH A . 
E 4 HOH 15 615 23 HOH HOH A . 
E 4 HOH 16 616 24 HOH HOH A . 
E 4 HOH 17 617 27 HOH HOH A . 
E 4 HOH 18 618 31 HOH HOH A . 
E 4 HOH 19 619 34 HOH HOH A . 
E 4 HOH 20 620 44 HOH HOH A . 
E 4 HOH 21 621 45 HOH HOH A . 
F 4 HOH 1  401 5  HOH HOH B . 
F 4 HOH 2  402 7  HOH HOH B . 
F 4 HOH 3  403 14 HOH HOH B . 
F 4 HOH 4  404 15 HOH HOH B . 
F 4 HOH 5  405 22 HOH HOH B . 
F 4 HOH 6  406 26 HOH HOH B . 
F 4 HOH 7  407 28 HOH HOH B . 
F 4 HOH 8  408 35 HOH HOH B . 
F 4 HOH 9  409 36 HOH HOH B . 
F 4 HOH 10 410 46 HOH HOH B . 
# 
loop_
_software.pdbx_ordinal 
_software.name 
_software.version 
_software.date 
_software.type 
_software.contact_author 
_software.contact_author_email 
_software.classification 
_software.location 
_software.language 
_software.citation_id 
1 DENZO       .          ?                program 'Zbyszek Otwinowski' hkl@hkl-xray.com         'data reduction'  
http://www.hkl-xray.com/                  ?   ? 
2 SCALEPACK   .          ?                program 'Zbyszek Otwinowski' hkl@hkl-xray.com         'data scaling'    
http://www.hkl-xray.com/                  ?   ? 
3 PHENIX      1.8.3_1479 ?                package 'Paul D. Adams'      PDAdams@lbl.gov          refinement        
http://www.phenix-online.org/             C++ ? 
4 PDB_EXTRACT 3.11       'April 22, 2011' package PDB                  deposit@deposit.rcsb.org 'data extraction' 
http://sw-tools.pdb.org/apps/PDB_EXTRACT/ C++ ? 
5 HKL-2000    .          ?                ?       ?                    ?                        'data collection' ? ?   ? 
6 HKL-2000    .          ?                ?       ?                    ?                        'data reduction'  ? ?   ? 
7 HKL-2000    .          ?                ?       ?                    ?                        'data scaling'    ? ?   ? 
# 
_cell.length_a           38.882 
_cell.length_b           38.882 
_cell.length_c           49.997 
_cell.angle_alpha        90.000 
_cell.angle_beta         90.000 
_cell.angle_gamma        120.000 
_cell.entry_id           4N7H 
_cell.pdbx_unique_axis   ? 
_cell.Z_PDB              6 
_cell.length_a_esd       ? 
_cell.length_b_esd       ? 
_cell.length_c_esd       ? 
_cell.angle_alpha_esd    ? 
_cell.angle_beta_esd     ? 
_cell.angle_gamma_esd    ? 
# 
_symmetry.space_group_name_H-M             'P 32 2 1' 
_symmetry.entry_id                         4N7H 
_symmetry.pdbx_full_space_group_name_H-M   ? 
_symmetry.Int_Tables_number                154 
_symmetry.cell_setting                     ? 
_symmetry.space_group_name_Hall            ? 
# 
_exptl.crystals_number   1 
_exptl.entry_id          4N7H 
_exptl.method            'X-RAY DIFFRACTION' 
# 
_exptl_crystal.id                    1 
_exptl_crystal.density_Matthews      1.94 
_exptl_crystal.density_meas          ? 
_exptl_crystal.density_percent_sol   36.64 
_exptl_crystal.description           ? 
_exptl_crystal.F_000                 ? 
_exptl_crystal.preparation           ? 
# 
_exptl_crystal_grow.crystal_id      1 
_exptl_crystal_grow.method          'VAPOR DIFFUSION, HANGING DROP' 
_exptl_crystal_grow.pH              8.0 
_exptl_crystal_grow.temp            294 
_exptl_crystal_grow.temp_details    ? 
_exptl_crystal_grow.pdbx_details    
'0.35M (NH4)SO4, 100mM Tris-HCl 8.0, 100mM Guanidine-HCl, VAPOR DIFFUSION, HANGING DROP, temperature 294K' 
_exptl_crystal_grow.pdbx_pH_range   ? 
# 
_diffrn.id                     1 
_diffrn.ambient_temp           100 
_diffrn.ambient_temp_details   ? 
_diffrn.crystal_id             1 
# 
_diffrn_detector.diffrn_id              1 
_diffrn_detector.detector               'IMAGE PLATE' 
_diffrn_detector.type                   'MAR scanner 300 mm plate' 
_diffrn_detector.pdbx_collection_date   2012-11-21 
_diffrn_detector.details                ? 
# 
_diffrn_radiation.diffrn_id                        1 
_diffrn_radiation.wavelength_id                    1 
_diffrn_radiation.pdbx_diffrn_protocol             'SINGLE WAVELENGTH' 
_diffrn_radiation.monochromator                    ? 
_diffrn_radiation.pdbx_monochromatic_or_laue_m_l   M 
_diffrn_radiation.pdbx_scattering_type             x-ray 
# 
_diffrn_radiation_wavelength.id           1 
_diffrn_radiation_wavelength.wavelength   1.00000 
_diffrn_radiation_wavelength.wt           1.0 
# 
_diffrn_source.diffrn_id                   1 
_diffrn_source.source                      SYNCHROTRON 
_diffrn_source.type                        'APS BEAMLINE 22-ID' 
_diffrn_source.pdbx_wavelength             ? 
_diffrn_source.pdbx_wavelength_list        1.00000 
_diffrn_source.pdbx_synchrotron_site       APS 
_diffrn_source.pdbx_synchrotron_beamline   22-ID 
# 
_reflns.entry_id                     4N7H 
_reflns.d_resolution_high            1.700 
_reflns.d_resolution_low             50.000 
_reflns.number_obs                   5129 
_reflns.pdbx_Rmerge_I_obs            0.068 
_reflns.pdbx_netI_over_sigmaI        24.500 
_reflns.pdbx_chi_squared             1.178 
_reflns.pdbx_redundancy              13.300 
_reflns.percent_possible_obs         99.600 
_reflns.B_iso_Wilson_estimate        26.010 
_reflns.observed_criterion_sigma_F   ? 
_reflns.observed_criterion_sigma_I   ? 
_reflns.number_all                   ? 
_reflns.pdbx_Rsym_value              ? 
_reflns.R_free_details               ? 
_reflns.limit_h_max                  ? 
_reflns.limit_h_min                  ? 
_reflns.limit_k_max                  ? 
_reflns.limit_k_min                  ? 
_reflns.limit_l_max                  ? 
_reflns.limit_l_min                  ? 
_reflns.observed_criterion_F_max     ? 
_reflns.observed_criterion_F_min     ? 
_reflns.pdbx_scaling_rejects         ? 
_reflns.pdbx_ordinal                 1 
_reflns.pdbx_diffrn_id               1 
# 
loop_
_reflns_shell.d_res_high 
_reflns_shell.d_res_low 
_reflns_shell.number_measured_obs 
_reflns_shell.number_measured_all 
_reflns_shell.number_unique_obs 
_reflns_shell.Rmerge_I_obs 
_reflns_shell.meanI_over_sigI_obs 
_reflns_shell.pdbx_Rsym_value 
_reflns_shell.pdbx_chi_squared 
_reflns_shell.pdbx_redundancy 
_reflns_shell.percent_possible_obs 
_reflns_shell.number_unique_all 
_reflns_shell.percent_possible_all 
_reflns_shell.pdbx_ordinal 
_reflns_shell.pdbx_diffrn_id 
1.700 1.760  ? ? ? 0.210 ? ? 1.233 11.100 ? 508 99.400  1  1 
1.760 1.830  ? ? ? 0.174 ? ? 1.201 13.400 ? 485 99.800  2  1 
1.830 1.910  ? ? ? 0.145 ? ? 1.223 14.000 ? 514 100.000 3  1 
1.910 2.020  ? ? ? 0.118 ? ? 1.242 13.900 ? 498 100.000 4  1 
2.020 2.140  ? ? ? 0.105 ? ? 1.218 14.100 ? 506 100.000 5  1 
2.140 2.310  ? ? ? 0.098 ? ? 1.134 13.800 ? 499 100.000 6  1 
2.310 2.540  ? ? ? 0.093 ? ? 1.113 14.000 ? 516 100.000 7  1 
2.540 2.910  ? ? ? 0.081 ? ? 1.149 13.800 ? 516 99.800  8  1 
2.910 3.660  ? ? ? 0.063 ? ? 1.105 13.400 ? 525 99.600  9  1 
3.660 50.000 ? ? ? 0.055 ? ? 1.179 11.800 ? 562 97.900  10 1 
# 
_refine.entry_id                                 4N7H 
_refine.pdbx_refine_id                           'X-RAY DIFFRACTION' 
_refine.ls_d_res_high                            1.6980 
_refine.ls_d_res_low                             33.6730 
_refine.pdbx_ls_sigma_F                          1.370 
_refine.pdbx_data_cutoff_high_absF               ? 
_refine.pdbx_data_cutoff_low_absF                ? 
_refine.ls_percent_reflns_obs                    99.6100 
_refine.ls_number_reflns_obs                     5109 
_refine.ls_number_reflns_all                     ? 
_refine.pdbx_ls_cross_valid_method               ? 
_refine.ls_matrix_type                           ? 
_refine.pdbx_R_Free_selection_details            ? 
_refine.details                                  ? 
_refine.ls_R_factor_all                          ? 
_refine.ls_R_factor_obs                          0.1907 
_refine.ls_R_factor_R_work                       0.1888 
_refine.ls_wR_factor_R_work                      ? 
_refine.ls_R_factor_R_free                       0.2331 
_refine.ls_wR_factor_R_free                      ? 
_refine.ls_percent_reflns_R_free                 4.6000 
_refine.ls_number_reflns_R_free                  235 
_refine.ls_number_reflns_R_work                  4874 
_refine.ls_R_factor_R_free_error                 ? 
_refine.B_iso_mean                               29.4486 
_refine.solvent_model_param_bsol                 ? 
_refine.solvent_model_param_ksol                 ? 
_refine.pdbx_isotropic_thermal_model             ? 
_refine.aniso_B[1][1]                            ? 
_refine.aniso_B[2][2]                            ? 
_refine.aniso_B[3][3]                            ? 
_refine.aniso_B[1][2]                            ? 
_refine.aniso_B[1][3]                            ? 
_refine.aniso_B[2][3]                            ? 
_refine.correlation_coeff_Fo_to_Fc               ? 
_refine.correlation_coeff_Fo_to_Fc_free          ? 
_refine.overall_SU_R_Cruickshank_DPI             ? 
_refine.pdbx_overall_SU_R_free_Cruickshank_DPI   ? 
_refine.pdbx_overall_SU_R_Blow_DPI               ? 
_refine.pdbx_overall_SU_R_free_Blow_DPI          ? 
_refine.overall_SU_R_free                        ? 
_refine.pdbx_overall_ESU_R                       ? 
_refine.pdbx_overall_ESU_R_Free                  ? 
_refine.overall_SU_ML                            0.1900 
_refine.overall_SU_B                             ? 
_refine.solvent_model_details                    'FLAT BULK SOLVENT MODEL' 
_refine.pdbx_solvent_vdw_probe_radii             1.1100 
_refine.pdbx_solvent_ion_probe_radii             ? 
_refine.pdbx_solvent_shrinkage_radii             0.9000 
_refine.ls_number_parameters                     ? 
_refine.ls_number_restraints                     ? 
_refine.pdbx_starting_model                      ? 
_refine.pdbx_method_to_determine_struct          ? 
_refine.pdbx_stereochemistry_target_values       ML 
_refine.pdbx_stereochem_target_val_spec_case     ? 
_refine.overall_FOM_work_R_set                   0.7813 
_refine.B_iso_max                                71.130 
_refine.B_iso_min                                16.580 
_refine.pdbx_overall_phase_error                 26.0500 
_refine.occupancy_max                            1.000 
_refine.occupancy_min                            0.510 
_refine.pdbx_diffrn_id                           1 
_refine.pdbx_ls_sigma_I                          ? 
_refine.ls_redundancy_reflns_obs                 ? 
_refine.ls_R_factor_R_free_error_details         ? 
_refine.pdbx_data_cutoff_high_rms_absF           ? 
_refine.overall_FOM_free_R_set                   ? 
_refine.pdbx_TLS_residual_ADP_flag               ? 
# 
_refine_hist.pdbx_refine_id                   'X-RAY DIFFRACTION' 
_refine_hist.cycle_id                         LAST 
_refine_hist.pdbx_number_atoms_protein        346 
_refine_hist.pdbx_number_atoms_nucleic_acid   0 
_refine_hist.pdbx_number_atoms_ligand         8 
_refine_hist.number_atoms_solvent             31 
_refine_hist.number_atoms_total               385 
_refine_hist.d_res_high                       1.6980 
_refine_hist.d_res_low                        33.6730 
# 
loop_
_refine_ls_restr.pdbx_refine_id 
_refine_ls_restr.type 
_refine_ls_restr.number 
_refine_ls_restr.dev_ideal 
_refine_ls_restr.dev_ideal_target 
_refine_ls_restr.weight 
_refine_ls_restr.pdbx_restraint_function 
'X-RAY DIFFRACTION' f_bond_d           366 0.011  ? ? ? 
'X-RAY DIFFRACTION' f_angle_d          498 1.291  ? ? ? 
'X-RAY DIFFRACTION' f_chiral_restr     47  0.049  ? ? ? 
'X-RAY DIFFRACTION' f_plane_restr      68  0.008  ? ? ? 
'X-RAY DIFFRACTION' f_dihedral_angle_d 130 15.743 ? ? ? 
# 
loop_
_refine_ls_shell.d_res_high 
_refine_ls_shell.d_res_low 
_refine_ls_shell.pdbx_total_number_of_bins_used 
_refine_ls_shell.percent_reflns_obs 
_refine_ls_shell.number_reflns_R_work 
_refine_ls_shell.R_factor_all 
_refine_ls_shell.R_factor_R_work 
_refine_ls_shell.R_factor_R_free 
_refine_ls_shell.percent_reflns_R_free 
_refine_ls_shell.number_reflns_R_free 
_refine_ls_shell.R_factor_R_free_error 
_refine_ls_shell.number_reflns_all 
_refine_ls_shell.number_reflns_obs 
_refine_ls_shell.pdbx_refine_id 
_refine_ls_shell.redundancy_reflns_obs 
1.6983 2.1396  2 100.0000 2395 . 0.1933 0.2663 . 112 . 2507 . 'X-RAY DIFFRACTION' . 
2.1396 33.6794 2 99.0000  2479 . 0.1877 0.2249 . 123 . 2602 . 'X-RAY DIFFRACTION' . 
# 
_struct.entry_id                  4N7H 
_struct.title                     'Crystal Structure of the Complex of 3rd WW domain of Human Nedd4 and 1st PPXY Motif of ARRDC3' 
_struct.pdbx_model_details        ? 
_struct.pdbx_CASP_flag            ? 
_struct.pdbx_model_type_details   ? 
# 
_struct_keywords.entry_id        4N7H 
_struct_keywords.pdbx_keywords   'PROTEIN BINDING' 
_struct_keywords.text            'ww domain, Beta sheet, PPXY motif, PROTEIN BINDING' 
# 
loop_
_struct_asym.id 
_struct_asym.pdbx_blank_PDB_chainid_flag 
_struct_asym.pdbx_modified 
_struct_asym.entity_id 
_struct_asym.details 
A N N 1 ? 
B N N 2 ? 
C N N 3 ? 
D N N 3 ? 
E N N 4 ? 
F N N 4 ? 
# 
loop_
_struct_ref.id 
_struct_ref.db_name 
_struct_ref.db_code 
_struct_ref.pdbx_db_accession 
_struct_ref.entity_id 
_struct_ref.pdbx_seq_one_letter_code 
_struct_ref.pdbx_align_begin 
_struct_ref.pdbx_db_isoform 
1 UNP NEDD4_HUMAN P46934 1 GFLPKGWEVRHAPNGRPFFIDHNTKTTTWEDPR 840 ? 
2 UNP ARRD3_HUMAN Q96B67 2 RPEAPPSYAEVVT                     342 ? 
# 
loop_
_struct_ref_seq.align_id 
_struct_ref_seq.ref_id 
_struct_ref_seq.pdbx_PDB_id_code 
_struct_ref_seq.pdbx_strand_id 
_struct_ref_seq.seq_align_beg 
_struct_ref_seq.pdbx_seq_align_beg_ins_code 
_struct_ref_seq.seq_align_end 
_struct_ref_seq.pdbx_seq_align_end_ins_code 
_struct_ref_seq.pdbx_db_accession 
_struct_ref_seq.db_align_beg 
_struct_ref_seq.pdbx_db_align_beg_ins_code 
_struct_ref_seq.db_align_end 
_struct_ref_seq.pdbx_db_align_end_ins_code 
_struct_ref_seq.pdbx_auth_seq_align_beg 
_struct_ref_seq.pdbx_auth_seq_align_end 
1 1 4N7H A 5 ? 37 ? P46934 840 ? 872 ? 421 453 
2 2 4N7H B 1 ? 13 ? Q96B67 342 ? 354 ? 342 354 
# 
loop_
_struct_ref_seq_dif.align_id 
_struct_ref_seq_dif.pdbx_pdb_id_code 
_struct_ref_seq_dif.mon_id 
_struct_ref_seq_dif.pdbx_pdb_strand_id 
_struct_ref_seq_dif.seq_num 
_struct_ref_seq_dif.pdbx_pdb_ins_code 
_struct_ref_seq_dif.pdbx_seq_db_name 
_struct_ref_seq_dif.pdbx_seq_db_accession_code 
_struct_ref_seq_dif.db_mon_id 
_struct_ref_seq_dif.pdbx_seq_db_seq_num 
_struct_ref_seq_dif.details 
_struct_ref_seq_dif.pdbx_auth_seq_num 
_struct_ref_seq_dif.pdbx_ordinal 
1 4N7H ALA A 1 ? UNP P46934 ? ? 'expression tag' 417 1 
1 4N7H MET A 2 ? UNP P46934 ? ? 'expression tag' 418 2 
1 4N7H GLY A 3 ? UNP P46934 ? ? 'expression tag' 419 3 
1 4N7H SER A 4 ? UNP P46934 ? ? 'expression tag' 420 4 
# 
_pdbx_struct_assembly.id                   1 
_pdbx_struct_assembly.details              author_and_software_defined_assembly 
_pdbx_struct_assembly.method_details       PISA 
_pdbx_struct_assembly.oligomeric_details   dimeric 
_pdbx_struct_assembly.oligomeric_count     2 
# 
loop_
_pdbx_struct_assembly_prop.biol_id 
_pdbx_struct_assembly_prop.type 
_pdbx_struct_assembly_prop.value 
_pdbx_struct_assembly_prop.details 
1 'ABSA (A^2)' 1010 ? 
1 MORE         -5   ? 
1 'SSA (A^2)'  3280 ? 
# 
_pdbx_struct_assembly_gen.assembly_id       1 
_pdbx_struct_assembly_gen.oper_expression   1 
_pdbx_struct_assembly_gen.asym_id_list      A,B,C,D,E,F 
# 
_pdbx_struct_oper_list.id                   1 
_pdbx_struct_oper_list.type                 'identity operation' 
_pdbx_struct_oper_list.name                 1_555 
_pdbx_struct_oper_list.symmetry_operation   x,y,z 
_pdbx_struct_oper_list.matrix[1][1]         1.0000000000 
_pdbx_struct_oper_list.matrix[1][2]         0.0000000000 
_pdbx_struct_oper_list.matrix[1][3]         0.0000000000 
_pdbx_struct_oper_list.vector[1]            0.0000000000 
_pdbx_struct_oper_list.matrix[2][1]         0.0000000000 
_pdbx_struct_oper_list.matrix[2][2]         1.0000000000 
_pdbx_struct_oper_list.matrix[2][3]         0.0000000000 
_pdbx_struct_oper_list.vector[2]            0.0000000000 
_pdbx_struct_oper_list.matrix[3][1]         0.0000000000 
_pdbx_struct_oper_list.matrix[3][2]         0.0000000000 
_pdbx_struct_oper_list.matrix[3][3]         1.0000000000 
_pdbx_struct_oper_list.vector[3]            0.0000000000 
# 
_struct_biol.id        1 
_struct_biol.details   ? 
# 
_struct_conf.conf_type_id            HELX_P 
_struct_conf.id                      HELX_P1 
_struct_conf.pdbx_PDB_helix_id       1 
_struct_conf.beg_label_comp_id       SER 
_struct_conf.beg_label_asym_id       B 
_struct_conf.beg_label_seq_id        7 
_struct_conf.pdbx_beg_PDB_ins_code   ? 
_struct_conf.end_label_comp_id       VAL 
_struct_conf.end_label_asym_id       B 
_struct_conf.end_label_seq_id        11 
_struct_conf.pdbx_end_PDB_ins_code   ? 
_struct_conf.beg_auth_comp_id        SER 
_struct_conf.beg_auth_asym_id        B 
_struct_conf.beg_auth_seq_id         348 
_struct_conf.end_auth_comp_id        VAL 
_struct_conf.end_auth_asym_id        B 
_struct_conf.end_auth_seq_id         352 
_struct_conf.pdbx_PDB_helix_class    5 
_struct_conf.details                 ? 
_struct_conf.pdbx_PDB_helix_length   5 
# 
_struct_conf_type.id          HELX_P 
_struct_conf_type.criteria    ? 
_struct_conf_type.reference   ? 
# 
_struct_sheet.id               A 
_struct_sheet.type             ? 
_struct_sheet.number_strands   3 
_struct_sheet.details          ? 
# 
loop_
_struct_sheet_order.sheet_id 
_struct_sheet_order.range_id_1 
_struct_sheet_order.range_id_2 
_struct_sheet_order.offset 
_struct_sheet_order.sense 
A 1 2 ? anti-parallel 
A 2 3 ? anti-parallel 
# 
loop_
_struct_sheet_range.sheet_id 
_struct_sheet_range.id 
_struct_sheet_range.beg_label_comp_id 
_struct_sheet_range.beg_label_asym_id 
_struct_sheet_range.beg_label_seq_id 
_struct_sheet_range.pdbx_beg_PDB_ins_code 
_struct_sheet_range.end_label_comp_id 
_struct_sheet_range.end_label_asym_id 
_struct_sheet_range.end_label_seq_id 
_struct_sheet_range.pdbx_end_PDB_ins_code 
_struct_sheet_range.beg_auth_comp_id 
_struct_sheet_range.beg_auth_asym_id 
_struct_sheet_range.beg_auth_seq_id 
_struct_sheet_range.end_auth_comp_id 
_struct_sheet_range.end_auth_asym_id 
_struct_sheet_range.end_auth_seq_id 
A 1 TRP A 11 ? HIS A 15 ? TRP A 427 HIS A 431 
A 2 PRO A 21 ? ASP A 25 ? PRO A 437 ASP A 441 
A 3 THR A 30 ? THR A 32 ? THR A 446 THR A 448 
# 
loop_
_pdbx_struct_sheet_hbond.sheet_id 
_pdbx_struct_sheet_hbond.range_id_1 
_pdbx_struct_sheet_hbond.range_id_2 
_pdbx_struct_sheet_hbond.range_1_label_atom_id 
_pdbx_struct_sheet_hbond.range_1_label_comp_id 
_pdbx_struct_sheet_hbond.range_1_label_asym_id 
_pdbx_struct_sheet_hbond.range_1_label_seq_id 
_pdbx_struct_sheet_hbond.range_1_PDB_ins_code 
_pdbx_struct_sheet_hbond.range_1_auth_atom_id 
_pdbx_struct_sheet_hbond.range_1_auth_comp_id 
_pdbx_struct_sheet_hbond.range_1_auth_asym_id 
_pdbx_struct_sheet_hbond.range_1_auth_seq_id 
_pdbx_struct_sheet_hbond.range_2_label_atom_id 
_pdbx_struct_sheet_hbond.range_2_label_comp_id 
_pdbx_struct_sheet_hbond.range_2_label_asym_id 
_pdbx_struct_sheet_hbond.range_2_label_seq_id 
_pdbx_struct_sheet_hbond.range_2_PDB_ins_code 
_pdbx_struct_sheet_hbond.range_2_auth_atom_id 
_pdbx_struct_sheet_hbond.range_2_auth_comp_id 
_pdbx_struct_sheet_hbond.range_2_auth_asym_id 
_pdbx_struct_sheet_hbond.range_2_auth_seq_id 
A 1 2 N GLU A 12 ? N GLU A 428 O ILE A 24 ? O ILE A 440 
A 2 3 N PHE A 23 ? N PHE A 439 O THR A 32 ? O THR A 448 
# 
loop_
_struct_site.id 
_struct_site.pdbx_evidence_code 
_struct_site.pdbx_auth_asym_id 
_struct_site.pdbx_auth_comp_id 
_struct_site.pdbx_auth_seq_id 
_struct_site.pdbx_auth_ins_code 
_struct_site.pdbx_num_residues 
_struct_site.details 
AC1 Software A GAI 501 ? 9 'BINDING SITE FOR RESIDUE GAI A 501' 
AC2 Software A GAI 502 ? 5 'BINDING SITE FOR RESIDUE GAI A 502' 
# 
loop_
_struct_site_gen.id 
_struct_site_gen.site_id 
_struct_site_gen.pdbx_num_res 
_struct_site_gen.label_comp_id 
_struct_site_gen.label_asym_id 
_struct_site_gen.label_seq_id 
_struct_site_gen.pdbx_auth_ins_code 
_struct_site_gen.auth_comp_id 
_struct_site_gen.auth_asym_id 
_struct_site_gen.auth_seq_id 
_struct_site_gen.label_atom_id 
_struct_site_gen.label_alt_id 
_struct_site_gen.symmetry 
_struct_site_gen.details 
1  AC1 9 TRP A 11 ? TRP A 427 . ? 4_555 ? 
2  AC1 9 TRP A 11 ? TRP A 427 . ? 1_555 ? 
3  AC1 9 ASP A 25 ? ASP A 441 . ? 1_555 ? 
4  AC1 9 ASP A 25 ? ASP A 441 . ? 4_555 ? 
5  AC1 9 THR A 30 ? THR A 446 . ? 4_555 ? 
6  AC1 9 THR A 30 ? THR A 446 . ? 1_555 ? 
7  AC1 9 THR A 31 ? THR A 447 . ? 1_555 ? 
8  AC1 9 THR A 31 ? THR A 447 . ? 4_555 ? 
9  AC1 9 THR A 32 ? THR A 448 . ? 4_555 ? 
10 AC2 5 ARG A 14 ? ARG A 430 . ? 1_555 ? 
11 AC2 5 HIS A 15 ? HIS A 431 . ? 1_555 ? 
12 AC2 5 ASP A 35 ? ASP A 451 . ? 2_654 ? 
13 AC2 5 HOH E .  ? HOH A 602 . ? 1_555 ? 
14 AC2 5 HOH E .  ? HOH A 613 . ? 1_555 ? 
# 
loop_
_pdbx_struct_special_symmetry.id 
_pdbx_struct_special_symmetry.PDB_model_num 
_pdbx_struct_special_symmetry.auth_asym_id 
_pdbx_struct_special_symmetry.auth_comp_id 
_pdbx_struct_special_symmetry.auth_seq_id 
_pdbx_struct_special_symmetry.PDB_ins_code 
_pdbx_struct_special_symmetry.label_asym_id 
_pdbx_struct_special_symmetry.label_comp_id 
_pdbx_struct_special_symmetry.label_seq_id 
1 1 A GAI 501 ? C GAI . 
2 1 A GAI 501 ? C GAI . 
3 1 A HOH 615 ? E HOH . 
# 
loop_
_pdbx_unobs_or_zero_occ_residues.id 
_pdbx_unobs_or_zero_occ_residues.PDB_model_num 
_pdbx_unobs_or_zero_occ_residues.polymer_flag 
_pdbx_unobs_or_zero_occ_residues.occupancy_flag 
_pdbx_unobs_or_zero_occ_residues.auth_asym_id 
_pdbx_unobs_or_zero_occ_residues.auth_comp_id 
_pdbx_unobs_or_zero_occ_residues.auth_seq_id 
_pdbx_unobs_or_zero_occ_residues.PDB_ins_code 
_pdbx_unobs_or_zero_occ_residues.label_asym_id 
_pdbx_unobs_or_zero_occ_residues.label_comp_id 
_pdbx_unobs_or_zero_occ_residues.label_seq_id 
1 1 Y 1 A ALA 417 ? A ALA 1  
2 1 Y 1 A MET 418 ? A MET 2  
3 1 Y 1 A GLY 419 ? A GLY 3  
4 1 Y 1 A SER 420 ? A SER 4  
5 1 Y 1 B ARG 342 ? B ARG 1  
6 1 Y 1 B PRO 343 ? B PRO 2  
7 1 Y 1 B VAL 353 ? B VAL 12 
8 1 Y 1 B THR 354 ? B THR 13 
# 
loop_
_chem_comp_atom.comp_id 
_chem_comp_atom.atom_id 
_chem_comp_atom.type_symbol 
_chem_comp_atom.pdbx_aromatic_flag 
_chem_comp_atom.pdbx_stereo_config 
_chem_comp_atom.pdbx_ordinal 
ALA N    N N N 1   
ALA CA   C N S 2   
ALA C    C N N 3   
ALA O    O N N 4   
ALA CB   C N N 5   
ALA OXT  O N N 6   
ALA H    H N N 7   
ALA H2   H N N 8   
ALA HA   H N N 9   
ALA HB1  H N N 10  
ALA HB2  H N N 11  
ALA HB3  H N N 12  
ALA HXT  H N N 13  
ARG N    N N N 14  
ARG CA   C N S 15  
ARG C    C N N 16  
ARG O    O N N 17  
ARG CB   C N N 18  
ARG CG   C N N 19  
ARG CD   C N N 20  
ARG NE   N N N 21  
ARG CZ   C N N 22  
ARG NH1  N N N 23  
ARG NH2  N N N 24  
ARG OXT  O N N 25  
ARG H    H N N 26  
ARG H2   H N N 27  
ARG HA   H N N 28  
ARG HB2  H N N 29  
ARG HB3  H N N 30  
ARG HG2  H N N 31  
ARG HG3  H N N 32  
ARG HD2  H N N 33  
ARG HD3  H N N 34  
ARG HE   H N N 35  
ARG HH11 H N N 36  
ARG HH12 H N N 37  
ARG HH21 H N N 38  
ARG HH22 H N N 39  
ARG HXT  H N N 40  
ASN N    N N N 41  
ASN CA   C N S 42  
ASN C    C N N 43  
ASN O    O N N 44  
ASN CB   C N N 45  
ASN CG   C N N 46  
ASN OD1  O N N 47  
ASN ND2  N N N 48  
ASN OXT  O N N 49  
ASN H    H N N 50  
ASN H2   H N N 51  
ASN HA   H N N 52  
ASN HB2  H N N 53  
ASN HB3  H N N 54  
ASN HD21 H N N 55  
ASN HD22 H N N 56  
ASN HXT  H N N 57  
ASP N    N N N 58  
ASP CA   C N S 59  
ASP C    C N N 60  
ASP O    O N N 61  
ASP CB   C N N 62  
ASP CG   C N N 63  
ASP OD1  O N N 64  
ASP OD2  O N N 65  
ASP OXT  O N N 66  
ASP H    H N N 67  
ASP H2   H N N 68  
ASP HA   H N N 69  
ASP HB2  H N N 70  
ASP HB3  H N N 71  
ASP HD2  H N N 72  
ASP HXT  H N N 73  
GAI C    C N N 74  
GAI N1   N N N 75  
GAI N2   N N N 76  
GAI N3   N N N 77  
GAI HN1  H N N 78  
GAI HN21 H N N 79  
GAI HN22 H N N 80  
GAI HN31 H N N 81  
GAI HN32 H N N 82  
GLU N    N N N 83  
GLU CA   C N S 84  
GLU C    C N N 85  
GLU O    O N N 86  
GLU CB   C N N 87  
GLU CG   C N N 88  
GLU CD   C N N 89  
GLU OE1  O N N 90  
GLU OE2  O N N 91  
GLU OXT  O N N 92  
GLU H    H N N 93  
GLU H2   H N N 94  
GLU HA   H N N 95  
GLU HB2  H N N 96  
GLU HB3  H N N 97  
GLU HG2  H N N 98  
GLU HG3  H N N 99  
GLU HE2  H N N 100 
GLU HXT  H N N 101 
GLY N    N N N 102 
GLY CA   C N N 103 
GLY C    C N N 104 
GLY O    O N N 105 
GLY OXT  O N N 106 
GLY H    H N N 107 
GLY H2   H N N 108 
GLY HA2  H N N 109 
GLY HA3  H N N 110 
GLY HXT  H N N 111 
HIS N    N N N 112 
HIS CA   C N S 113 
HIS C    C N N 114 
HIS O    O N N 115 
HIS CB   C N N 116 
HIS CG   C Y N 117 
HIS ND1  N Y N 118 
HIS CD2  C Y N 119 
HIS CE1  C Y N 120 
HIS NE2  N Y N 121 
HIS OXT  O N N 122 
HIS H    H N N 123 
HIS H2   H N N 124 
HIS HA   H N N 125 
HIS HB2  H N N 126 
HIS HB3  H N N 127 
HIS HD1  H N N 128 
HIS HD2  H N N 129 
HIS HE1  H N N 130 
HIS HE2  H N N 131 
HIS HXT  H N N 132 
HOH O    O N N 133 
HOH H1   H N N 134 
HOH H2   H N N 135 
ILE N    N N N 136 
ILE CA   C N S 137 
ILE C    C N N 138 
ILE O    O N N 139 
ILE CB   C N S 140 
ILE CG1  C N N 141 
ILE CG2  C N N 142 
ILE CD1  C N N 143 
ILE OXT  O N N 144 
ILE H    H N N 145 
ILE H2   H N N 146 
ILE HA   H N N 147 
ILE HB   H N N 148 
ILE HG12 H N N 149 
ILE HG13 H N N 150 
ILE HG21 H N N 151 
ILE HG22 H N N 152 
ILE HG23 H N N 153 
ILE HD11 H N N 154 
ILE HD12 H N N 155 
ILE HD13 H N N 156 
ILE HXT  H N N 157 
LEU N    N N N 158 
LEU CA   C N S 159 
LEU C    C N N 160 
LEU O    O N N 161 
LEU CB   C N N 162 
LEU CG   C N N 163 
LEU CD1  C N N 164 
LEU CD2  C N N 165 
LEU OXT  O N N 166 
LEU H    H N N 167 
LEU H2   H N N 168 
LEU HA   H N N 169 
LEU HB2  H N N 170 
LEU HB3  H N N 171 
LEU HG   H N N 172 
LEU HD11 H N N 173 
LEU HD12 H N N 174 
LEU HD13 H N N 175 
LEU HD21 H N N 176 
LEU HD22 H N N 177 
LEU HD23 H N N 178 
LEU HXT  H N N 179 
LYS N    N N N 180 
LYS CA   C N S 181 
LYS C    C N N 182 
LYS O    O N N 183 
LYS CB   C N N 184 
LYS CG   C N N 185 
LYS CD   C N N 186 
LYS CE   C N N 187 
LYS NZ   N N N 188 
LYS OXT  O N N 189 
LYS H    H N N 190 
LYS H2   H N N 191 
LYS HA   H N N 192 
LYS HB2  H N N 193 
LYS HB3  H N N 194 
LYS HG2  H N N 195 
LYS HG3  H N N 196 
LYS HD2  H N N 197 
LYS HD3  H N N 198 
LYS HE2  H N N 199 
LYS HE3  H N N 200 
LYS HZ1  H N N 201 
LYS HZ2  H N N 202 
LYS HZ3  H N N 203 
LYS HXT  H N N 204 
MET N    N N N 205 
MET CA   C N S 206 
MET C    C N N 207 
MET O    O N N 208 
MET CB   C N N 209 
MET CG   C N N 210 
MET SD   S N N 211 
MET CE   C N N 212 
MET OXT  O N N 213 
MET H    H N N 214 
MET H2   H N N 215 
MET HA   H N N 216 
MET HB2  H N N 217 
MET HB3  H N N 218 
MET HG2  H N N 219 
MET HG3  H N N 220 
MET HE1  H N N 221 
MET HE2  H N N 222 
MET HE3  H N N 223 
MET HXT  H N N 224 
PHE N    N N N 225 
PHE CA   C N S 226 
PHE C    C N N 227 
PHE O    O N N 228 
PHE CB   C N N 229 
PHE CG   C Y N 230 
PHE CD1  C Y N 231 
PHE CD2  C Y N 232 
PHE CE1  C Y N 233 
PHE CE2  C Y N 234 
PHE CZ   C Y N 235 
PHE OXT  O N N 236 
PHE H    H N N 237 
PHE H2   H N N 238 
PHE HA   H N N 239 
PHE HB2  H N N 240 
PHE HB3  H N N 241 
PHE HD1  H N N 242 
PHE HD2  H N N 243 
PHE HE1  H N N 244 
PHE HE2  H N N 245 
PHE HZ   H N N 246 
PHE HXT  H N N 247 
PRO N    N N N 248 
PRO CA   C N S 249 
PRO C    C N N 250 
PRO O    O N N 251 
PRO CB   C N N 252 
PRO CG   C N N 253 
PRO CD   C N N 254 
PRO OXT  O N N 255 
PRO H    H N N 256 
PRO HA   H N N 257 
PRO HB2  H N N 258 
PRO HB3  H N N 259 
PRO HG2  H N N 260 
PRO HG3  H N N 261 
PRO HD2  H N N 262 
PRO HD3  H N N 263 
PRO HXT  H N N 264 
SER N    N N N 265 
SER CA   C N S 266 
SER C    C N N 267 
SER O    O N N 268 
SER CB   C N N 269 
SER OG   O N N 270 
SER OXT  O N N 271 
SER H    H N N 272 
SER H2   H N N 273 
SER HA   H N N 274 
SER HB2  H N N 275 
SER HB3  H N N 276 
SER HG   H N N 277 
SER HXT  H N N 278 
THR N    N N N 279 
THR CA   C N S 280 
THR C    C N N 281 
THR O    O N N 282 
THR CB   C N R 283 
THR OG1  O N N 284 
THR CG2  C N N 285 
THR OXT  O N N 286 
THR H    H N N 287 
THR H2   H N N 288 
THR HA   H N N 289 
THR HB   H N N 290 
THR HG1  H N N 291 
THR HG21 H N N 292 
THR HG22 H N N 293 
THR HG23 H N N 294 
THR HXT  H N N 295 
TRP N    N N N 296 
TRP CA   C N S 297 
TRP C    C N N 298 
TRP O    O N N 299 
TRP CB   C N N 300 
TRP CG   C Y N 301 
TRP CD1  C Y N 302 
TRP CD2  C Y N 303 
TRP NE1  N Y N 304 
TRP CE2  C Y N 305 
TRP CE3  C Y N 306 
TRP CZ2  C Y N 307 
TRP CZ3  C Y N 308 
TRP CH2  C Y N 309 
TRP OXT  O N N 310 
TRP H    H N N 311 
TRP H2   H N N 312 
TRP HA   H N N 313 
TRP HB2  H N N 314 
TRP HB3  H N N 315 
TRP HD1  H N N 316 
TRP HE1  H N N 317 
TRP HE3  H N N 318 
TRP HZ2  H N N 319 
TRP HZ3  H N N 320 
TRP HH2  H N N 321 
TRP HXT  H N N 322 
TYR N    N N N 323 
TYR CA   C N S 324 
TYR C    C N N 325 
TYR O    O N N 326 
TYR CB   C N N 327 
TYR CG   C Y N 328 
TYR CD1  C Y N 329 
TYR CD2  C Y N 330 
TYR CE1  C Y N 331 
TYR CE2  C Y N 332 
TYR CZ   C Y N 333 
TYR OH   O N N 334 
TYR OXT  O N N 335 
TYR H    H N N 336 
TYR H2   H N N 337 
TYR HA   H N N 338 
TYR HB2  H N N 339 
TYR HB3  H N N 340 
TYR HD1  H N N 341 
TYR HD2  H N N 342 
TYR HE1  H N N 343 
TYR HE2  H N N 344 
TYR HH   H N N 345 
TYR HXT  H N N 346 
VAL N    N N N 347 
VAL CA   C N S 348 
VAL C    C N N 349 
VAL O    O N N 350 
VAL CB   C N N 351 
VAL CG1  C N N 352 
VAL CG2  C N N 353 
VAL OXT  O N N 354 
VAL H    H N N 355 
VAL H2   H N N 356 
VAL HA   H N N 357 
VAL HB   H N N 358 
VAL HG11 H N N 359 
VAL HG12 H N N 360 
VAL HG13 H N N 361 
VAL HG21 H N N 362 
VAL HG22 H N N 363 
VAL HG23 H N N 364 
VAL HXT  H N N 365 
# 
loop_
_chem_comp_bond.comp_id 
_chem_comp_bond.atom_id_1 
_chem_comp_bond.atom_id_2 
_chem_comp_bond.value_order 
_chem_comp_bond.pdbx_aromatic_flag 
_chem_comp_bond.pdbx_stereo_config 
_chem_comp_bond.pdbx_ordinal 
ALA N   CA   sing N N 1   
ALA N   H    sing N N 2   
ALA N   H2   sing N N 3   
ALA CA  C    sing N N 4   
ALA CA  CB   sing N N 5   
ALA CA  HA   sing N N 6   
ALA C   O    doub N N 7   
ALA C   OXT  sing N N 8   
ALA CB  HB1  sing N N 9   
ALA CB  HB2  sing N N 10  
ALA CB  HB3  sing N N 11  
ALA OXT HXT  sing N N 12  
ARG N   CA   sing N N 13  
ARG N   H    sing N N 14  
ARG N   H2   sing N N 15  
ARG CA  C    sing N N 16  
ARG CA  CB   sing N N 17  
ARG CA  HA   sing N N 18  
ARG C   O    doub N N 19  
ARG C   OXT  sing N N 20  
ARG CB  CG   sing N N 21  
ARG CB  HB2  sing N N 22  
ARG CB  HB3  sing N N 23  
ARG CG  CD   sing N N 24  
ARG CG  HG2  sing N N 25  
ARG CG  HG3  sing N N 26  
ARG CD  NE   sing N N 27  
ARG CD  HD2  sing N N 28  
ARG CD  HD3  sing N N 29  
ARG NE  CZ   sing N N 30  
ARG NE  HE   sing N N 31  
ARG CZ  NH1  sing N N 32  
ARG CZ  NH2  doub N N 33  
ARG NH1 HH11 sing N N 34  
ARG NH1 HH12 sing N N 35  
ARG NH2 HH21 sing N N 36  
ARG NH2 HH22 sing N N 37  
ARG OXT HXT  sing N N 38  
ASN N   CA   sing N N 39  
ASN N   H    sing N N 40  
ASN N   H2   sing N N 41  
ASN CA  C    sing N N 42  
ASN CA  CB   sing N N 43  
ASN CA  HA   sing N N 44  
ASN C   O    doub N N 45  
ASN C   OXT  sing N N 46  
ASN CB  CG   sing N N 47  
ASN CB  HB2  sing N N 48  
ASN CB  HB3  sing N N 49  
ASN CG  OD1  doub N N 50  
ASN CG  ND2  sing N N 51  
ASN ND2 HD21 sing N N 52  
ASN ND2 HD22 sing N N 53  
ASN OXT HXT  sing N N 54  
ASP N   CA   sing N N 55  
ASP N   H    sing N N 56  
ASP N   H2   sing N N 57  
ASP CA  C    sing N N 58  
ASP CA  CB   sing N N 59  
ASP CA  HA   sing N N 60  
ASP C   O    doub N N 61  
ASP C   OXT  sing N N 62  
ASP CB  CG   sing N N 63  
ASP CB  HB2  sing N N 64  
ASP CB  HB3  sing N N 65  
ASP CG  OD1  doub N N 66  
ASP CG  OD2  sing N N 67  
ASP OD2 HD2  sing N N 68  
ASP OXT HXT  sing N N 69  
GAI C   N1   doub N N 70  
GAI C   N2   sing N N 71  
GAI C   N3   sing N N 72  
GAI N1  HN1  sing N N 73  
GAI N2  HN21 sing N N 74  
GAI N2  HN22 sing N N 75  
GAI N3  HN31 sing N N 76  
GAI N3  HN32 sing N N 77  
GLU N   CA   sing N N 78  
GLU N   H    sing N N 79  
GLU N   H2   sing N N 80  
GLU CA  C    sing N N 81  
GLU CA  CB   sing N N 82  
GLU CA  HA   sing N N 83  
GLU C   O    doub N N 84  
GLU C   OXT  sing N N 85  
GLU CB  CG   sing N N 86  
GLU CB  HB2  sing N N 87  
GLU CB  HB3  sing N N 88  
GLU CG  CD   sing N N 89  
GLU CG  HG2  sing N N 90  
GLU CG  HG3  sing N N 91  
GLU CD  OE1  doub N N 92  
GLU CD  OE2  sing N N 93  
GLU OE2 HE2  sing N N 94  
GLU OXT HXT  sing N N 95  
GLY N   CA   sing N N 96  
GLY N   H    sing N N 97  
GLY N   H2   sing N N 98  
GLY CA  C    sing N N 99  
GLY CA  HA2  sing N N 100 
GLY CA  HA3  sing N N 101 
GLY C   O    doub N N 102 
GLY C   OXT  sing N N 103 
GLY OXT HXT  sing N N 104 
HIS N   CA   sing N N 105 
HIS N   H    sing N N 106 
HIS N   H2   sing N N 107 
HIS CA  C    sing N N 108 
HIS CA  CB   sing N N 109 
HIS CA  HA   sing N N 110 
HIS C   O    doub N N 111 
HIS C   OXT  sing N N 112 
HIS CB  CG   sing N N 113 
HIS CB  HB2  sing N N 114 
HIS CB  HB3  sing N N 115 
HIS CG  ND1  sing Y N 116 
HIS CG  CD2  doub Y N 117 
HIS ND1 CE1  doub Y N 118 
HIS ND1 HD1  sing N N 119 
HIS CD2 NE2  sing Y N 120 
HIS CD2 HD2  sing N N 121 
HIS CE1 NE2  sing Y N 122 
HIS CE1 HE1  sing N N 123 
HIS NE2 HE2  sing N N 124 
HIS OXT HXT  sing N N 125 
HOH O   H1   sing N N 126 
HOH O   H2   sing N N 127 
ILE N   CA   sing N N 128 
ILE N   H    sing N N 129 
ILE N   H2   sing N N 130 
ILE CA  C    sing N N 131 
ILE CA  CB   sing N N 132 
ILE CA  HA   sing N N 133 
ILE C   O    doub N N 134 
ILE C   OXT  sing N N 135 
ILE CB  CG1  sing N N 136 
ILE CB  CG2  sing N N 137 
ILE CB  HB   sing N N 138 
ILE CG1 CD1  sing N N 139 
ILE CG1 HG12 sing N N 140 
ILE CG1 HG13 sing N N 141 
ILE CG2 HG21 sing N N 142 
ILE CG2 HG22 sing N N 143 
ILE CG2 HG23 sing N N 144 
ILE CD1 HD11 sing N N 145 
ILE CD1 HD12 sing N N 146 
ILE CD1 HD13 sing N N 147 
ILE OXT HXT  sing N N 148 
LEU N   CA   sing N N 149 
LEU N   H    sing N N 150 
LEU N   H2   sing N N 151 
LEU CA  C    sing N N 152 
LEU CA  CB   sing N N 153 
LEU CA  HA   sing N N 154 
LEU C   O    doub N N 155 
LEU C   OXT  sing N N 156 
LEU CB  CG   sing N N 157 
LEU CB  HB2  sing N N 158 
LEU CB  HB3  sing N N 159 
LEU CG  CD1  sing N N 160 
LEU CG  CD2  sing N N 161 
LEU CG  HG   sing N N 162 
LEU CD1 HD11 sing N N 163 
LEU CD1 HD12 sing N N 164 
LEU CD1 HD13 sing N N 165 
LEU CD2 HD21 sing N N 166 
LEU CD2 HD22 sing N N 167 
LEU CD2 HD23 sing N N 168 
LEU OXT HXT  sing N N 169 
LYS N   CA   sing N N 170 
LYS N   H    sing N N 171 
LYS N   H2   sing N N 172 
LYS CA  C    sing N N 173 
LYS CA  CB   sing N N 174 
LYS CA  HA   sing N N 175 
LYS C   O    doub N N 176 
LYS C   OXT  sing N N 177 
LYS CB  CG   sing N N 178 
LYS CB  HB2  sing N N 179 
LYS CB  HB3  sing N N 180 
LYS CG  CD   sing N N 181 
LYS CG  HG2  sing N N 182 
LYS CG  HG3  sing N N 183 
LYS CD  CE   sing N N 184 
LYS CD  HD2  sing N N 185 
LYS CD  HD3  sing N N 186 
LYS CE  NZ   sing N N 187 
LYS CE  HE2  sing N N 188 
LYS CE  HE3  sing N N 189 
LYS NZ  HZ1  sing N N 190 
LYS NZ  HZ2  sing N N 191 
LYS NZ  HZ3  sing N N 192 
LYS OXT HXT  sing N N 193 
MET N   CA   sing N N 194 
MET N   H    sing N N 195 
MET N   H2   sing N N 196 
MET CA  C    sing N N 197 
MET CA  CB   sing N N 198 
MET CA  HA   sing N N 199 
MET C   O    doub N N 200 
MET C   OXT  sing N N 201 
MET CB  CG   sing N N 202 
MET CB  HB2  sing N N 203 
MET CB  HB3  sing N N 204 
MET CG  SD   sing N N 205 
MET CG  HG2  sing N N 206 
MET CG  HG3  sing N N 207 
MET SD  CE   sing N N 208 
MET CE  HE1  sing N N 209 
MET CE  HE2  sing N N 210 
MET CE  HE3  sing N N 211 
MET OXT HXT  sing N N 212 
PHE N   CA   sing N N 213 
PHE N   H    sing N N 214 
PHE N   H2   sing N N 215 
PHE CA  C    sing N N 216 
PHE CA  CB   sing N N 217 
PHE CA  HA   sing N N 218 
PHE C   O    doub N N 219 
PHE C   OXT  sing N N 220 
PHE CB  CG   sing N N 221 
PHE CB  HB2  sing N N 222 
PHE CB  HB3  sing N N 223 
PHE CG  CD1  doub Y N 224 
PHE CG  CD2  sing Y N 225 
PHE CD1 CE1  sing Y N 226 
PHE CD1 HD1  sing N N 227 
PHE CD2 CE2  doub Y N 228 
PHE CD2 HD2  sing N N 229 
PHE CE1 CZ   doub Y N 230 
PHE CE1 HE1  sing N N 231 
PHE CE2 CZ   sing Y N 232 
PHE CE2 HE2  sing N N 233 
PHE CZ  HZ   sing N N 234 
PHE OXT HXT  sing N N 235 
PRO N   CA   sing N N 236 
PRO N   CD   sing N N 237 
PRO N   H    sing N N 238 
PRO CA  C    sing N N 239 
PRO CA  CB   sing N N 240 
PRO CA  HA   sing N N 241 
PRO C   O    doub N N 242 
PRO C   OXT  sing N N 243 
PRO CB  CG   sing N N 244 
PRO CB  HB2  sing N N 245 
PRO CB  HB3  sing N N 246 
PRO CG  CD   sing N N 247 
PRO CG  HG2  sing N N 248 
PRO CG  HG3  sing N N 249 
PRO CD  HD2  sing N N 250 
PRO CD  HD3  sing N N 251 
PRO OXT HXT  sing N N 252 
SER N   CA   sing N N 253 
SER N   H    sing N N 254 
SER N   H2   sing N N 255 
SER CA  C    sing N N 256 
SER CA  CB   sing N N 257 
SER CA  HA   sing N N 258 
SER C   O    doub N N 259 
SER C   OXT  sing N N 260 
SER CB  OG   sing N N 261 
SER CB  HB2  sing N N 262 
SER CB  HB3  sing N N 263 
SER OG  HG   sing N N 264 
SER OXT HXT  sing N N 265 
THR N   CA   sing N N 266 
THR N   H    sing N N 267 
THR N   H2   sing N N 268 
THR CA  C    sing N N 269 
THR CA  CB   sing N N 270 
THR CA  HA   sing N N 271 
THR C   O    doub N N 272 
THR C   OXT  sing N N 273 
THR CB  OG1  sing N N 274 
THR CB  CG2  sing N N 275 
THR CB  HB   sing N N 276 
THR OG1 HG1  sing N N 277 
THR CG2 HG21 sing N N 278 
THR CG2 HG22 sing N N 279 
THR CG2 HG23 sing N N 280 
THR OXT HXT  sing N N 281 
TRP N   CA   sing N N 282 
TRP N   H    sing N N 283 
TRP N   H2   sing N N 284 
TRP CA  C    sing N N 285 
TRP CA  CB   sing N N 286 
TRP CA  HA   sing N N 287 
TRP C   O    doub N N 288 
TRP C   OXT  sing N N 289 
TRP CB  CG   sing N N 290 
TRP CB  HB2  sing N N 291 
TRP CB  HB3  sing N N 292 
TRP CG  CD1  doub Y N 293 
TRP CG  CD2  sing Y N 294 
TRP CD1 NE1  sing Y N 295 
TRP CD1 HD1  sing N N 296 
TRP CD2 CE2  doub Y N 297 
TRP CD2 CE3  sing Y N 298 
TRP NE1 CE2  sing Y N 299 
TRP NE1 HE1  sing N N 300 
TRP CE2 CZ2  sing Y N 301 
TRP CE3 CZ3  doub Y N 302 
TRP CE3 HE3  sing N N 303 
TRP CZ2 CH2  doub Y N 304 
TRP CZ2 HZ2  sing N N 305 
TRP CZ3 CH2  sing Y N 306 
TRP CZ3 HZ3  sing N N 307 
TRP CH2 HH2  sing N N 308 
TRP OXT HXT  sing N N 309 
TYR N   CA   sing N N 310 
TYR N   H    sing N N 311 
TYR N   H2   sing N N 312 
TYR CA  C    sing N N 313 
TYR CA  CB   sing N N 314 
TYR CA  HA   sing N N 315 
TYR C   O    doub N N 316 
TYR C   OXT  sing N N 317 
TYR CB  CG   sing N N 318 
TYR CB  HB2  sing N N 319 
TYR CB  HB3  sing N N 320 
TYR CG  CD1  doub Y N 321 
TYR CG  CD2  sing Y N 322 
TYR CD1 CE1  sing Y N 323 
TYR CD1 HD1  sing N N 324 
TYR CD2 CE2  doub Y N 325 
TYR CD2 HD2  sing N N 326 
TYR CE1 CZ   doub Y N 327 
TYR CE1 HE1  sing N N 328 
TYR CE2 CZ   sing Y N 329 
TYR CE2 HE2  sing N N 330 
TYR CZ  OH   sing N N 331 
TYR OH  HH   sing N N 332 
TYR OXT HXT  sing N N 333 
VAL N   CA   sing N N 334 
VAL N   H    sing N N 335 
VAL N   H2   sing N N 336 
VAL CA  C    sing N N 337 
VAL CA  CB   sing N N 338 
VAL CA  HA   sing N N 339 
VAL C   O    doub N N 340 
VAL C   OXT  sing N N 341 
VAL CB  CG1  sing N N 342 
VAL CB  CG2  sing N N 343 
VAL CB  HB   sing N N 344 
VAL CG1 HG11 sing N N 345 
VAL CG1 HG12 sing N N 346 
VAL CG1 HG13 sing N N 347 
VAL CG2 HG21 sing N N 348 
VAL CG2 HG22 sing N N 349 
VAL CG2 HG23 sing N N 350 
VAL OXT HXT  sing N N 351 
# 
_atom_sites.entry_id                    4N7H 
_atom_sites.fract_transf_matrix[1][1]   0.00009680 
_atom_sites.fract_transf_matrix[1][2]   0.02583899 
_atom_sites.fract_transf_matrix[1][3]   0.01463889 
_atom_sites.fract_transf_matrix[2][1]   -0.02268438 
_atom_sites.fract_transf_matrix[2][2]   0.01891347 
_atom_sites.fract_transf_matrix[2][3]   -0.00310976 
_atom_sites.fract_transf_matrix[3][1]   -0.00935432 
_atom_sites.fract_transf_matrix[3][2]   -0.00868783 
_atom_sites.fract_transf_matrix[3][3]   0.01539669 
_atom_sites.fract_transf_vector[1]      0.468581 
_atom_sites.fract_transf_vector[2]      0.310983 
_atom_sites.fract_transf_vector[3]      -0.097804 
# 
loop_
_atom_type.symbol 
C 
H 
N 
O 
# 
loop_
_atom_site.group_PDB 
_atom_site.id 
_atom_site.type_symbol 
_atom_site.label_atom_id 
_atom_site.label_alt_id 
_atom_site.label_comp_id 
_atom_site.label_asym_id 
_atom_site.label_entity_id 
_atom_site.label_seq_id 
_atom_site.pdbx_PDB_ins_code 
_atom_site.Cartn_x 
_atom_site.Cartn_y 
_atom_site.Cartn_z 
_atom_site.occupancy 
_atom_site.B_iso_or_equiv 
_atom_site.pdbx_formal_charge 
_atom_site.auth_seq_id 
_atom_site.auth_comp_id 
_atom_site.auth_asym_id 
_atom_site.auth_atom_id 
_atom_site.pdbx_PDB_model_num 
ATOM   1   N N    . GLY A 1 5  ? 9.746   -6.003  10.115  1.00 39.37 ? 421 GLY A N    1 
ATOM   2   C CA   . GLY A 1 5  ? 10.086  -7.124  9.259   1.00 31.75 ? 421 GLY A CA   1 
ATOM   3   C C    . GLY A 1 5  ? 9.811   -6.774  7.805   1.00 30.17 ? 421 GLY A C    1 
ATOM   4   O O    . GLY A 1 5  ? 9.202   -5.741  7.496   1.00 26.20 ? 421 GLY A O    1 
ATOM   5   H HA2  . GLY A 1 5  ? 11.026  -7.343  9.358   1.00 38.09 ? 421 GLY A HA2  1 
ATOM   6   H HA3  . GLY A 1 5  ? 9.554   -7.899  9.502   1.00 38.09 ? 421 GLY A HA3  1 
ATOM   7   N N    . PHE A 1 6  ? 10.277  -7.616  6.894   1.00 26.75 ? 422 PHE A N    1 
ATOM   8   C CA   . PHE A 1 6  ? 10.025  -7.378  5.478   1.00 20.23 ? 422 PHE A CA   1 
ATOM   9   C C    . PHE A 1 6  ? 8.579   -7.641  5.119   1.00 24.23 ? 422 PHE A C    1 
ATOM   10  O O    . PHE A 1 6  ? 7.929   -8.520  5.693   1.00 27.39 ? 422 PHE A O    1 
ATOM   11  C CB   . PHE A 1 6  ? 10.917  -8.251  4.596   1.00 25.87 ? 422 PHE A CB   1 
ATOM   12  C CG   . PHE A 1 6  ? 12.375  -7.966  4.742   1.00 26.17 ? 422 PHE A CG   1 
ATOM   13  C CD1  . PHE A 1 6  ? 12.887  -6.721  4.441   1.00 28.10 ? 422 PHE A CD1  1 
ATOM   14  C CD2  . PHE A 1 6  ? 13.238  -8.958  5.164   1.00 29.60 ? 422 PHE A CD2  1 
ATOM   15  C CE1  . PHE A 1 6  ? 14.242  -6.466  4.575   1.00 26.97 ? 422 PHE A CE1  1 
ATOM   16  C CE2  . PHE A 1 6  ? 14.574  -8.714  5.319   1.00 28.92 ? 422 PHE A CE2  1 
ATOM   17  C CZ   . PHE A 1 6  ? 15.085  -7.468  5.024   1.00 27.44 ? 422 PHE A CZ   1 
ATOM   18  H H    . PHE A 1 6  ? 10.736  -8.324  7.064   1.00 32.10 ? 422 PHE A H    1 
ATOM   19  H HA   . PHE A 1 6  ? 10.219  -6.449  5.275   1.00 24.27 ? 422 PHE A HA   1 
ATOM   20  H HB2  . PHE A 1 6  ? 10.772  -9.181  4.829   1.00 31.05 ? 422 PHE A HB2  1 
ATOM   21  H HB3  . PHE A 1 6  ? 10.678  -8.103  3.667   1.00 31.05 ? 422 PHE A HB3  1 
ATOM   22  H HD1  . PHE A 1 6  ? 12.317  -6.047  4.149   1.00 33.72 ? 422 PHE A HD1  1 
ATOM   23  H HD2  . PHE A 1 6  ? 12.900  -9.798  5.375   1.00 35.52 ? 422 PHE A HD2  1 
ATOM   24  H HE1  . PHE A 1 6  ? 14.582  -5.623  4.380   1.00 32.36 ? 422 PHE A HE1  1 
ATOM   25  H HE2  . PHE A 1 6  ? 15.140  -9.392  5.608   1.00 34.71 ? 422 PHE A HE2  1 
ATOM   26  H HZ   . PHE A 1 6  ? 15.997  -7.305  5.114   1.00 32.93 ? 422 PHE A HZ   1 
ATOM   27  N N    . LEU A 1 7  ? 8.083   -6.896  4.141   1.00 22.58 ? 423 LEU A N    1 
ATOM   28  C CA   . LEU A 1 7  ? 6.732   -7.110  3.636   1.00 24.41 ? 423 LEU A CA   1 
ATOM   29  C C    . LEU A 1 7  ? 6.657   -8.444  2.907   1.00 24.94 ? 423 LEU A C    1 
ATOM   30  O O    . LEU A 1 7  ? 7.673   -8.923  2.388   1.00 28.70 ? 423 LEU A O    1 
ATOM   31  C CB   . LEU A 1 7  ? 6.348   -5.962  2.697   1.00 25.38 ? 423 LEU A CB   1 
ATOM   32  C CG   . LEU A 1 7  ? 6.144   -4.593  3.341   1.00 23.66 ? 423 LEU A CG   1 
ATOM   33  C CD1  . LEU A 1 7  ? 6.210   -3.442  2.333   1.00 26.20 ? 423 LEU A CD1  1 
ATOM   34  C CD2  . LEU A 1 7  ? 4.810   -4.626  4.021   1.00 24.11 ? 423 LEU A CD2  1 
ATOM   35  H H    . LEU A 1 7  ? 8.507   -6.258  3.751   1.00 27.10 ? 423 LEU A H    1 
ATOM   36  H HA   . LEU A 1 7  ? 6.105   -7.127  4.377   1.00 29.30 ? 423 LEU A HA   1 
ATOM   37  H HB2  . LEU A 1 7  ? 7.049   -5.866  2.034   1.00 30.45 ? 423 LEU A HB2  1 
ATOM   38  H HB3  . LEU A 1 7  ? 5.519   -6.198  2.254   1.00 30.45 ? 423 LEU A HB3  1 
ATOM   39  H HG   . LEU A 1 7  ? 6.826   -4.448  4.013   1.00 28.40 ? 423 LEU A HG   1 
ATOM   40  H HD11 . LEU A 1 7  ? 6.072   -2.605  2.803   1.00 31.44 ? 423 LEU A HD11 1 
ATOM   41  H HD12 . LEU A 1 7  ? 7.082   -3.446  1.909   1.00 31.44 ? 423 LEU A HD12 1 
ATOM   42  H HD13 . LEU A 1 7  ? 5.517   -3.566  1.667   1.00 31.44 ? 423 LEU A HD13 1 
ATOM   43  H HD21 . LEU A 1 7  ? 4.649   -3.767  4.441   1.00 28.93 ? 423 LEU A HD21 1 
ATOM   44  H HD22 . LEU A 1 7  ? 4.123   -4.806  3.360   1.00 28.93 ? 423 LEU A HD22 1 
ATOM   45  H HD23 . LEU A 1 7  ? 4.816   -5.327  4.691   1.00 28.93 ? 423 LEU A HD23 1 
ATOM   46  N N    . PRO A 1 8  ? 5.451   -9.033  2.803   1.00 25.00 ? 424 PRO A N    1 
ATOM   47  C CA   . PRO A 1 8  ? 5.327   -10.236 1.977   1.00 28.60 ? 424 PRO A CA   1 
ATOM   48  C C    . PRO A 1 8  ? 5.707   -9.957  0.543   1.00 27.64 ? 424 PRO A C    1 
ATOM   49  O O    . PRO A 1 8  ? 5.745   -8.812  0.100   1.00 26.68 ? 424 PRO A O    1 
ATOM   50  C CB   . PRO A 1 8  ? 3.838   -10.601 2.067   1.00 28.69 ? 424 PRO A CB   1 
ATOM   51  C CG   . PRO A 1 8  ? 3.299   -9.861  3.220   1.00 29.52 ? 424 PRO A CG   1 
ATOM   52  C CD   . PRO A 1 8  ? 4.162   -8.622  3.379   1.00 26.59 ? 424 PRO A CD   1 
ATOM   53  H HA   . PRO A 1 8  ? 5.868   -10.959 2.332   1.00 34.32 ? 424 PRO A HA   1 
ATOM   54  H HB2  . PRO A 1 8  ? 3.390   -10.331 1.251   1.00 34.43 ? 424 PRO A HB2  1 
ATOM   55  H HB3  . PRO A 1 8  ? 3.747   -11.557 2.205   1.00 34.43 ? 424 PRO A HB3  1 
ATOM   56  H HG2  . PRO A 1 8  ? 2.380   -9.613  3.042   1.00 35.43 ? 424 PRO A HG2  1 
ATOM   57  H HG3  . PRO A 1 8  ? 3.355   -10.416 4.014   1.00 35.43 ? 424 PRO A HG3  1 
ATOM   58  H HD2  . PRO A 1 8  ? 3.787   -7.882  2.876   1.00 31.91 ? 424 PRO A HD2  1 
ATOM   59  H HD3  . PRO A 1 8  ? 4.264   -8.399  4.317   1.00 31.91 ? 424 PRO A HD3  1 
ATOM   60  N N    . LYS A 1 9  ? 5.995   -11.020 -0.174  1.00 27.12 ? 425 LYS A N    1 
ATOM   61  C CA   . LYS A 1 9  ? 6.384   -10.949 -1.560  1.00 30.58 ? 425 LYS A CA   1 
ATOM   62  C C    . LYS A 1 9  ? 5.278   -10.258 -2.360  1.00 27.72 ? 425 LYS A C    1 
ATOM   63  O O    . LYS A 1 9  ? 4.095   -10.549 -2.175  1.00 31.28 ? 425 LYS A O    1 
ATOM   64  C CB   . LYS A 1 9  ? 6.659   -12.369 -2.034  1.00 36.57 ? 425 LYS A CB   1 
ATOM   65  C CG   . LYS A 1 9  ? 7.151   -12.551 -3.426  1.00 44.03 ? 425 LYS A CG   1 
ATOM   66  C CD   . LYS A 1 9  ? 7.296   -14.074 -3.665  1.00 43.63 ? 425 LYS A CD   1 
ATOM   67  C CE   . LYS A 1 9  ? 7.974   -14.423 -5.005  1.00 46.54 ? 425 LYS A CE   1 
ATOM   68  N NZ   . LYS A 1 9  ? 9.408   -13.964 -5.043  1.00 50.19 ? 425 LYS A NZ   1 
ATOM   69  H H    . LYS A 1 9  ? 5.972   -11.824 0.133   1.00 32.54 ? 425 LYS A H    1 
ATOM   70  H HA   . LYS A 1 9  ? 7.200   -10.431 -1.645  1.00 36.69 ? 425 LYS A HA   1 
ATOM   71  H HB2  . LYS A 1 9  ? 7.325   -12.756 -1.445  1.00 43.88 ? 425 LYS A HB2  1 
ATOM   72  H HB3  . LYS A 1 9  ? 5.834   -12.874 -1.957  1.00 43.88 ? 425 LYS A HB3  1 
ATOM   73  H HG2  . LYS A 1 9  ? 6.509   -12.190 -4.057  1.00 52.84 ? 425 LYS A HG2  1 
ATOM   74  H HG3  . LYS A 1 9  ? 8.019   -12.130 -3.530  1.00 52.84 ? 425 LYS A HG3  1 
ATOM   75  H HD2  . LYS A 1 9  ? 7.832   -14.454 -2.952  1.00 52.35 ? 425 LYS A HD2  1 
ATOM   76  H HD3  . LYS A 1 9  ? 6.413   -14.477 -3.665  1.00 52.35 ? 425 LYS A HD3  1 
ATOM   77  H HE2  . LYS A 1 9  ? 7.960   -15.385 -5.127  1.00 55.85 ? 425 LYS A HE2  1 
ATOM   78  H HE3  . LYS A 1 9  ? 7.496   -13.986 -5.727  1.00 55.85 ? 425 LYS A HE3  1 
ATOM   79  H HZ1  . LYS A 1 9  ? 9.448   -13.081 -4.937  1.00 60.22 ? 425 LYS A HZ1  1 
ATOM   80  H HZ2  . LYS A 1 9  ? 9.870   -14.355 -4.391  1.00 60.22 ? 425 LYS A HZ2  1 
ATOM   81  H HZ3  . LYS A 1 9  ? 9.775   -14.178 -5.826  1.00 60.22 ? 425 LYS A HZ3  1 
ATOM   82  N N    . GLY A 1 10 ? 5.662   -9.292  -3.180  1.00 29.67 ? 426 GLY A N    1 
ATOM   83  C CA   . GLY A 1 10 ? 4.706   -8.580  -4.013  1.00 28.42 ? 426 GLY A CA   1 
ATOM   84  C C    . GLY A 1 10 ? 4.188   -7.285  -3.433  1.00 28.77 ? 426 GLY A C    1 
ATOM   85  O O    . GLY A 1 10 ? 3.467   -6.561  -4.119  1.00 28.45 ? 426 GLY A O    1 
ATOM   86  H H    . GLY A 1 10 ? 6.476   -9.027  -3.274  1.00 35.60 ? 426 GLY A H    1 
ATOM   87  H HA2  . GLY A 1 10 ? 5.121   -8.380  -4.866  1.00 34.11 ? 426 GLY A HA2  1 
ATOM   88  H HA3  . GLY A 1 10 ? 3.944   -9.158  -4.179  1.00 34.11 ? 426 GLY A HA3  1 
ATOM   89  N N    . TRP A 1 11 ? 4.577   -6.964  -2.195  1.00 24.38 ? 427 TRP A N    1 
ATOM   90  C CA   . TRP A 1 11 ? 4.091   -5.752  -1.520  1.00 21.53 ? 427 TRP A CA   1 
ATOM   91  C C    . TRP A 1 11 ? 5.154   -4.671  -1.324  1.00 27.47 ? 427 TRP A C    1 
ATOM   92  O O    . TRP A 1 11 ? 6.350   -4.962  -1.234  1.00 28.50 ? 427 TRP A O    1 
ATOM   93  C CB   . TRP A 1 11 ? 3.531   -6.105  -0.139  1.00 27.16 ? 427 TRP A CB   1 
ATOM   94  C CG   . TRP A 1 11 ? 2.253   -6.911  -0.107  1.00 22.50 ? 427 TRP A CG   1 
ATOM   95  C CD1  . TRP A 1 11 ? 2.094   -8.218  -0.442  1.00 23.58 ? 427 TRP A CD1  1 
ATOM   96  C CD2  . TRP A 1 11 ? 0.976   -6.450  0.341   1.00 22.94 ? 427 TRP A CD2  1 
ATOM   97  N NE1  . TRP A 1 11 ? 0.791   -8.603  -0.225  1.00 23.45 ? 427 TRP A NE1  1 
ATOM   98  C CE2  . TRP A 1 11 ? 0.087   -7.533  0.254   1.00 21.63 ? 427 TRP A CE2  1 
ATOM   99  C CE3  . TRP A 1 11 ? 0.497   -5.219  0.810   1.00 20.36 ? 427 TRP A CE3  1 
ATOM   100 C CZ2  . TRP A 1 11 ? -1.253  -7.424  0.608   1.00 20.04 ? 427 TRP A CZ2  1 
ATOM   101 C CZ3  . TRP A 1 11 ? -0.827  -5.125  1.180   1.00 21.27 ? 427 TRP A CZ3  1 
ATOM   102 C CH2  . TRP A 1 11 ? -1.683  -6.212  1.061   1.00 22.00 ? 427 TRP A CH2  1 
ATOM   103 H H    . TRP A 1 11 ? 5.122   -7.432  -1.722  1.00 29.26 ? 427 TRP A H    1 
ATOM   104 H HA   . TRP A 1 11 ? 3.370   -5.370  -2.045  1.00 25.83 ? 427 TRP A HA   1 
ATOM   105 H HB2  . TRP A 1 11 ? 4.204   -6.615  0.339   1.00 32.60 ? 427 TRP A HB2  1 
ATOM   106 H HB3  . TRP A 1 11 ? 3.359   -5.278  0.337   1.00 32.60 ? 427 TRP A HB3  1 
ATOM   107 H HD1  . TRP A 1 11 ? 2.770   -8.774  -0.754  1.00 28.30 ? 427 TRP A HD1  1 
ATOM   108 H HE1  . TRP A 1 11 ? 0.469   -9.386  -0.379  1.00 28.14 ? 427 TRP A HE1  1 
ATOM   109 H HE3  . TRP A 1 11 ? 1.068   -4.490  0.897   1.00 24.43 ? 427 TRP A HE3  1 
ATOM   110 H HZ2  . TRP A 1 11 ? -1.834  -8.146  0.535   1.00 24.04 ? 427 TRP A HZ2  1 
ATOM   111 H HZ3  . TRP A 1 11 ? -1.160  -4.311  1.486   1.00 25.53 ? 427 TRP A HZ3  1 
ATOM   112 H HH2  . TRP A 1 11 ? -2.575  -6.113  1.305   1.00 26.40 ? 427 TRP A HH2  1 
ATOM   113 N N    . GLU A 1 12 ? 4.715   -3.418  -1.252  1.00 20.81 ? 428 GLU A N    1 
ATOM   114 C CA   . GLU A 1 12 ? 5.611   -2.330  -0.894  1.00 24.27 ? 428 GLU A CA   1 
ATOM   115 C C    . GLU A 1 12 ? 4.823   -1.352  -0.045  1.00 25.48 ? 428 GLU A C    1 
ATOM   116 O O    . GLU A 1 12 ? 3.592   -1.472  0.072   1.00 23.61 ? 428 GLU A O    1 
ATOM   117 C CB   . GLU A 1 12 ? 6.217   -1.660  -2.127  1.00 31.30 ? 428 GLU A CB   1 
ATOM   118 C CG   . GLU A 1 12 ? 5.230   -1.111  -3.097  1.00 25.59 ? 428 GLU A CG   1 
ATOM   119 C CD   . GLU A 1 12 ? 5.868   -0.189  -4.146  1.00 27.42 ? 428 GLU A CD   1 
ATOM   120 O OE1  . GLU A 1 12 ? 5.614   -0.400  -5.345  1.00 31.20 ? 428 GLU A OE1  1 
ATOM   121 O OE2  . GLU A 1 12 ? 6.617   0.743   -3.757  1.00 39.16 ? 428 GLU A OE2  1 
ATOM   122 H H    . GLU A 1 12 ? 3.905   -3.175  -1.405  1.00 24.97 ? 428 GLU A H    1 
ATOM   123 H HA   . GLU A 1 12 ? 6.337   -2.682  -0.354  1.00 29.13 ? 428 GLU A HA   1 
ATOM   124 H HB2  . GLU A 1 12 ? 6.779   -0.925  -1.833  1.00 37.56 ? 428 GLU A HB2  1 
ATOM   125 H HB3  . GLU A 1 12 ? 6.758   -2.313  -2.598  1.00 37.56 ? 428 GLU A HB3  1 
ATOM   126 H HG2  . GLU A 1 12 ? 4.805   -1.847  -3.564  1.00 30.71 ? 428 GLU A HG2  1 
ATOM   127 H HG3  . GLU A 1 12 ? 4.564   -0.598  -2.612  1.00 30.71 ? 428 GLU A HG3  1 
ATOM   128 N N    . VAL A 1 13 ? 5.525   -0.426  0.599   1.00 25.88 ? 429 VAL A N    1 
ATOM   129 C CA   . VAL A 1 13 ? 4.855   0.614   1.367   1.00 23.20 ? 429 VAL A CA   1 
ATOM   130 C C    . VAL A 1 13 ? 5.332   1.990   0.899   1.00 27.33 ? 429 VAL A C    1 
ATOM   131 O O    . VAL A 1 13 ? 6.498   2.168   0.573   1.00 26.38 ? 429 VAL A O    1 
ATOM   132 C CB   . VAL A 1 13 ? 5.085   0.412   2.879   1.00 26.20 ? 429 VAL A CB   1 
ATOM   133 C CG1  . VAL A 1 13 ? 6.570   0.375   3.206   1.00 25.92 ? 429 VAL A CG1  1 
ATOM   134 C CG2  . VAL A 1 13 ? 4.319   1.446   3.709   1.00 23.00 ? 429 VAL A CG2  1 
ATOM   135 H H    . VAL A 1 13 ? 6.384   -0.378  0.606   1.00 31.05 ? 429 VAL A H    1 
ATOM   136 H HA   . VAL A 1 13 ? 3.901   0.559   1.202   1.00 27.84 ? 429 VAL A HA   1 
ATOM   137 H HB   . VAL A 1 13 ? 4.726   -0.457  3.117   1.00 31.45 ? 429 VAL A HB   1 
ATOM   138 H HG11 . VAL A 1 13 ? 6.680   0.246   4.161   1.00 31.11 ? 429 VAL A HG11 1 
ATOM   139 H HG12 . VAL A 1 13 ? 6.981   -0.359  2.723   1.00 31.11 ? 429 VAL A HG12 1 
ATOM   140 H HG13 . VAL A 1 13 ? 6.973   1.214   2.936   1.00 31.11 ? 429 VAL A HG13 1 
ATOM   141 H HG21 . VAL A 1 13 ? 4.490   1.284   4.650   1.00 27.61 ? 429 VAL A HG21 1 
ATOM   142 H HG22 . VAL A 1 13 ? 4.623   2.334   3.465   1.00 27.61 ? 429 VAL A HG22 1 
ATOM   143 H HG23 . VAL A 1 13 ? 3.371   1.359   3.525   1.00 27.61 ? 429 VAL A HG23 1 
ATOM   144 N N    . ARG A 1 14 ? 4.418   2.951   0.855   1.00 24.88 ? 430 ARG A N    1 
ATOM   145 C CA   . ARG A 1 14 ? 4.724   4.332   0.466   1.00 23.37 ? 430 ARG A CA   1 
ATOM   146 C C    . ARG A 1 14 ? 3.891   5.253   1.353   1.00 27.51 ? 430 ARG A C    1 
ATOM   147 O O    . ARG A 1 14 ? 3.096   4.786   2.152   1.00 25.67 ? 430 ARG A O    1 
ATOM   148 C CB   . ARG A 1 14 ? 4.409   4.590   -1.007  1.00 24.18 ? 430 ARG A CB   1 
ATOM   149 C CG   . ARG A 1 14 ? 5.209   3.756   -2.002  1.00 26.97 ? 430 ARG A CG   1 
ATOM   150 C CD   . ARG A 1 14 ? 4.978   4.208   -3.440  1.00 32.04 ? 430 ARG A CD   1 
ATOM   151 N NE   . ARG A 1 14 ? 5.393   3.186   -4.398  1.00 30.91 ? 430 ARG A NE   1 
ATOM   152 C CZ   . ARG A 1 14 ? 5.335   3.329   -5.723  1.00 32.09 ? 430 ARG A CZ   1 
ATOM   153 N NH1  . ARG A 1 14 ? 4.911   4.464   -6.253  1.00 30.74 ? 430 ARG A NH1  1 
ATOM   154 N NH2  . ARG A 1 14 ? 5.710   2.338   -6.518  1.00 31.52 ? 430 ARG A NH2  1 
ATOM   155 H H    . ARG A 1 14 ? 3.589   2.829   1.049   1.00 29.85 ? 430 ARG A H    1 
ATOM   156 H HA   . ARG A 1 14 ? 5.663   4.515   0.621   1.00 28.04 ? 430 ARG A HA   1 
ATOM   157 H HB2  . ARG A 1 14 ? 3.469   4.402   -1.158  1.00 29.01 ? 430 ARG A HB2  1 
ATOM   158 H HB3  . ARG A 1 14 ? 4.587   5.524   -1.199  1.00 29.01 ? 430 ARG A HB3  1 
ATOM   159 H HG2  . ARG A 1 14 ? 6.155   3.846   -1.805  1.00 32.36 ? 430 ARG A HG2  1 
ATOM   160 H HG3  . ARG A 1 14 ? 4.940   2.827   -1.930  1.00 32.36 ? 430 ARG A HG3  1 
ATOM   161 H HD2  . ARG A 1 14 ? 4.033   4.382   -3.572  1.00 38.44 ? 430 ARG A HD2  1 
ATOM   162 H HD3  . ARG A 1 14 ? 5.494   5.011   -3.610  1.00 38.44 ? 430 ARG A HD3  1 
ATOM   163 H HE   . ARG A 1 14 ? 5.698   2.444   -4.087  1.00 37.09 ? 430 ARG A HE   1 
ATOM   164 H HH11 . ARG A 1 14 ? 4.660   5.109   -5.744  1.00 36.89 ? 430 ARG A HH11 1 
ATOM   165 H HH12 . ARG A 1 14 ? 4.880   4.554   -7.108  1.00 36.89 ? 430 ARG A HH12 1 
ATOM   166 H HH21 . ARG A 1 14 ? 5.995   1.599   -6.180  1.00 37.82 ? 430 ARG A HH21 1 
ATOM   167 H HH22 . ARG A 1 14 ? 5.684   2.438   -7.372  1.00 37.82 ? 430 ARG A HH22 1 
ATOM   168 N N    . HIS A 1 15 ? 4.065   6.555   1.196   1.00 28.46 ? 431 HIS A N    1 
ATOM   169 C CA   . HIS A 1 15 ? 3.335   7.522   1.997   1.00 28.35 ? 431 HIS A CA   1 
ATOM   170 C C    . HIS A 1 15 ? 2.352   8.238   1.090   1.00 23.71 ? 431 HIS A C    1 
ATOM   171 O O    . HIS A 1 15 ? 2.716   8.672   -0.003  1.00 24.10 ? 431 HIS A O    1 
ATOM   172 C CB   . HIS A 1 15 ? 4.298   8.528   2.681   1.00 31.61 ? 431 HIS A CB   1 
ATOM   173 C CG   . HIS A 1 15 ? 5.095   7.928   3.804   1.00 35.73 ? 431 HIS A CG   1 
ATOM   174 N ND1  . HIS A 1 15 ? 4.691   7.993   5.122   1.00 38.71 ? 431 HIS A ND1  1 
ATOM   175 C CD2  . HIS A 1 15 ? 6.248   7.215   3.802   1.00 39.14 ? 431 HIS A CD2  1 
ATOM   176 C CE1  . HIS A 1 15 ? 5.572   7.367   5.886   1.00 41.48 ? 431 HIS A CE1  1 
ATOM   177 N NE2  . HIS A 1 15 ? 6.530   6.889   5.110   1.00 42.64 ? 431 HIS A NE2  1 
ATOM   178 H H    . HIS A 1 15 ? 4.605   6.909   0.627   1.00 34.15 ? 431 HIS A H    1 
ATOM   179 H HA   . HIS A 1 15 ? 2.836   7.058   2.686   1.00 34.02 ? 431 HIS A HA   1 
ATOM   180 H HB2  . HIS A 1 15 ? 4.923   8.862   2.019   1.00 37.93 ? 431 HIS A HB2  1 
ATOM   181 H HB3  . HIS A 1 15 ? 3.777   9.262   3.043   1.00 37.93 ? 431 HIS A HB3  1 
ATOM   182 H HD2  . HIS A 1 15 ? 6.763   7.002   3.058   1.00 46.97 ? 431 HIS A HD2  1 
ATOM   183 H HE1  . HIS A 1 15 ? 5.527   7.280   6.811   1.00 49.78 ? 431 HIS A HE1  1 
ATOM   184 N N    . ALA A 1 16 ? 1.114   8.369   1.563   1.00 24.74 ? 432 ALA A N    1 
ATOM   185 C CA   . ALA A 1 16 ? 0.054   9.026   0.810   1.00 24.21 ? 432 ALA A CA   1 
ATOM   186 C C    . ALA A 1 16 ? 0.217   10.507  0.945   1.00 28.74 ? 432 ALA A C    1 
ATOM   187 O O    . ALA A 1 16 ? 0.980   10.961  1.799   1.00 31.69 ? 432 ALA A O    1 
ATOM   188 C CB   . ALA A 1 16 ? -1.300  8.605   1.319   1.00 26.21 ? 432 ALA A CB   1 
ATOM   189 H H    . ALA A 1 16 ? 0.862   8.081   2.333   1.00 29.68 ? 432 ALA A H    1 
ATOM   190 H HA   . ALA A 1 16 ? 0.122   8.789   -0.127  1.00 29.05 ? 432 ALA A HA   1 
ATOM   191 H HB1  . ALA A 1 16 ? -1.986  9.056   0.802   1.00 31.45 ? 432 ALA A HB1  1 
ATOM   192 H HB2  . ALA A 1 16 ? -1.390  7.645   1.220   1.00 31.45 ? 432 ALA A HB2  1 
ATOM   193 H HB3  . ALA A 1 16 ? -1.377  8.851   2.254   1.00 31.45 ? 432 ALA A HB3  1 
ATOM   194 N N    . PRO A 1 17 ? -0.501  11.275  0.118   1.00 29.70 ? 433 PRO A N    1 
ATOM   195 C CA   . PRO A 1 17 ? -0.391  12.724  0.260   1.00 33.30 ? 433 PRO A CA   1 
ATOM   196 C C    . PRO A 1 17 ? -0.608  13.202  1.696   1.00 31.30 ? 433 PRO A C    1 
ATOM   197 O O    . PRO A 1 17 ? 0.104   14.118  2.112   1.00 38.26 ? 433 PRO A O    1 
ATOM   198 C CB   . PRO A 1 17 ? -1.488  13.239  -0.676  1.00 34.08 ? 433 PRO A CB   1 
ATOM   199 C CG   . PRO A 1 17 ? -1.505  12.226  -1.784  1.00 40.10 ? 433 PRO A CG   1 
ATOM   200 C CD   . PRO A 1 17 ? -1.236  10.898  -1.105  1.00 35.29 ? 433 PRO A CD   1 
ATOM   201 H HA   . PRO A 1 17 ? 0.472   13.032  -0.056  1.00 39.97 ? 433 PRO A HA   1 
ATOM   202 H HB2  . PRO A 1 17 ? -2.339  13.259  -0.210  1.00 40.90 ? 433 PRO A HB2  1 
ATOM   203 H HB3  . PRO A 1 17 ? -1.252  14.118  -1.011  1.00 40.90 ? 433 PRO A HB3  1 
ATOM   204 H HG2  . PRO A 1 17 ? -2.375  12.224  -2.211  1.00 48.11 ? 433 PRO A HG2  1 
ATOM   205 H HG3  . PRO A 1 17 ? -0.807  12.432  -2.426  1.00 48.11 ? 433 PRO A HG3  1 
ATOM   206 H HD2  . PRO A 1 17 ? -2.071  10.461  -0.876  1.00 42.34 ? 433 PRO A HD2  1 
ATOM   207 H HD3  . PRO A 1 17 ? -0.684  10.336  -1.671  1.00 42.34 ? 433 PRO A HD3  1 
ATOM   208 N N    . ASN A 1 18 ? -1.532  12.591  2.443   1.00 32.36 ? 434 ASN A N    1 
ATOM   209 C CA   . ASN A 1 18 ? -1.795  13.046  3.807   1.00 32.38 ? 434 ASN A CA   1 
ATOM   210 C C    . ASN A 1 18 ? -0.726  12.584  4.775   1.00 36.52 ? 434 ASN A C    1 
ATOM   211 O O    . ASN A 1 18 ? -0.812  12.841  5.982   1.00 42.41 ? 434 ASN A O    1 
ATOM   212 C CB   . ASN A 1 18 ? -3.156  12.573  4.295   1.00 35.25 ? 434 ASN A CB   1 
ATOM   213 C CG   . ASN A 1 18 ? -3.217  11.062  4.506   1.00 33.28 ? 434 ASN A CG   1 
ATOM   214 O OD1  . ASN A 1 18 ? -2.215  10.364  4.383   1.00 34.14 ? 434 ASN A OD1  1 
ATOM   215 N ND2  . ASN A 1 18 ? -4.408  10.555  4.826   1.00 34.69 ? 434 ASN A ND2  1 
ATOM   216 H H    . ASN A 1 18 ? -2.012  11.925  2.188   1.00 38.83 ? 434 ASN A H    1 
ATOM   217 H HA   . ASN A 1 18 ? -1.800  14.016  3.814   1.00 38.85 ? 434 ASN A HA   1 
ATOM   218 H HB2  . ASN A 1 18 ? -3.356  13.003  5.142   1.00 42.30 ? 434 ASN A HB2  1 
ATOM   219 H HB3  . ASN A 1 18 ? -3.828  12.811  3.637   1.00 42.30 ? 434 ASN A HB3  1 
ATOM   220 H HD21 . ASN A 1 18 ? -4.494  9.709   4.957   1.00 41.63 ? 434 ASN A HD21 1 
ATOM   221 H HD22 . ASN A 1 18 ? -5.090  11.073  4.903   1.00 41.63 ? 434 ASN A HD22 1 
ATOM   222 N N    . GLY A 1 19 ? 0.265   11.874  4.252   1.00 33.68 ? 435 GLY A N    1 
ATOM   223 C CA   . GLY A 1 19 ? 1.423   11.481  5.034   1.00 33.87 ? 435 GLY A CA   1 
ATOM   224 C C    . GLY A 1 19 ? 1.342   10.099  5.656   1.00 34.46 ? 435 GLY A C    1 
ATOM   225 O O    . GLY A 1 19 ? 2.313   9.606   6.242   1.00 37.00 ? 435 GLY A O    1 
ATOM   226 H H    . GLY A 1 19 ? 0.287   11.605  3.436   1.00 40.42 ? 435 GLY A H    1 
ATOM   227 H HA2  . GLY A 1 19 ? 2.208   11.505  4.465   1.00 40.65 ? 435 GLY A HA2  1 
ATOM   228 H HA3  . GLY A 1 19 ? 1.551   12.122  5.750   1.00 40.65 ? 435 GLY A HA3  1 
ATOM   229 N N    . ARG A 1 20 ? 0.180   9.470   5.552   1.00 32.72 ? 436 ARG A N    1 
ATOM   230 C CA   . ARG A 1 20 ? -0.039  8.177   6.174   1.00 27.58 ? 436 ARG A CA   1 
ATOM   231 C C    . ARG A 1 20 ? 0.579   7.099   5.283   1.00 29.19 ? 436 ARG A C    1 
ATOM   232 O O    . ARG A 1 20 ? 0.459   7.163   4.059   1.00 25.49 ? 436 ARG A O    1 
ATOM   233 C CB   . ARG A 1 20 ? -1.536  7.961   6.377   1.00 30.56 ? 436 ARG A CB   1 
ATOM   234 C CG   . ARG A 1 20 ? -1.909  6.734   7.120   1.00 27.04 ? 436 ARG A CG   1 
ATOM   235 C CD   . ARG A 1 20 ? -3.414  6.613   7.254   1.00 27.90 ? 436 ARG A CD   1 
ATOM   236 N NE   . ARG A 1 20 ? -3.809  5.358   7.889   1.00 28.37 ? 436 ARG A NE   1 
ATOM   237 C CZ   . ARG A 1 20 ? -5.066  4.975   8.065   1.00 25.23 ? 436 ARG A CZ   1 
ATOM   238 N NH1  . ARG A 1 20 ? -6.051  5.741   7.621   1.00 29.07 ? 436 ARG A NH1  1 
ATOM   239 N NH2  . ARG A 1 20 ? -5.341  3.813   8.650   1.00 28.66 ? 436 ARG A NH2  1 
ATOM   240 H H    . ARG A 1 20 ? -0.501  9.773   5.122   1.00 39.27 ? 436 ARG A H    1 
ATOM   241 H HA   . ARG A 1 20 ? 0.399   8.153   7.039   1.00 33.09 ? 436 ARG A HA   1 
ATOM   242 H HB2  . ARG A 1 20 ? -1.891  8.718   6.868   1.00 36.67 ? 436 ARG A HB2  1 
ATOM   243 H HB3  . ARG A 1 20 ? -1.960  7.913   5.506   1.00 36.67 ? 436 ARG A HB3  1 
ATOM   244 H HG2  . ARG A 1 20 ? -1.581  5.957   6.642   1.00 32.45 ? 436 ARG A HG2  1 
ATOM   245 H HG3  . ARG A 1 20 ? -1.526  6.769   8.010   1.00 32.45 ? 436 ARG A HG3  1 
ATOM   246 H HD2  . ARG A 1 20 ? -3.745  7.345   7.798   1.00 33.48 ? 436 ARG A HD2  1 
ATOM   247 H HD3  . ARG A 1 20 ? -3.816  6.645   6.371   1.00 33.48 ? 436 ARG A HD3  1 
ATOM   248 H HE   . ARG A 1 20 ? -3.187  4.853   8.203   1.00 34.04 ? 436 ARG A HE   1 
ATOM   249 H HH11 . ARG A 1 20 ? -5.874  6.492   7.241   1.00 34.88 ? 436 ARG A HH11 1 
ATOM   250 H HH12 . ARG A 1 20 ? -6.867  5.496   7.729   1.00 34.88 ? 436 ARG A HH12 1 
ATOM   251 H HH21 . ARG A 1 20 ? -4.702  3.312   8.933   1.00 34.39 ? 436 ARG A HH21 1 
ATOM   252 H HH22 . ARG A 1 20 ? -6.159  3.568   8.755   1.00 34.39 ? 436 ARG A HH22 1 
ATOM   253 N N    . PRO A 1 21 ? 1.259   6.114   5.879   1.00 27.23 ? 437 PRO A N    1 
ATOM   254 C CA   . PRO A 1 21 ? 1.769   5.042   5.027   1.00 22.74 ? 437 PRO A CA   1 
ATOM   255 C C    . PRO A 1 21 ? 0.615   4.212   4.478   1.00 24.68 ? 437 PRO A C    1 
ATOM   256 O O    . PRO A 1 21 ? -0.364  4.001   5.206   1.00 22.15 ? 437 PRO A O    1 
ATOM   257 C CB   . PRO A 1 21 ? 2.650   4.228   5.966   1.00 25.03 ? 437 PRO A CB   1 
ATOM   258 C CG   . PRO A 1 21 ? 2.095   4.495   7.318   1.00 29.64 ? 437 PRO A CG   1 
ATOM   259 C CD   . PRO A 1 21 ? 1.533   5.864   7.307   1.00 26.52 ? 437 PRO A CD   1 
ATOM   260 H HA   . PRO A 1 21 ? 2.301   5.399   4.299   1.00 27.29 ? 437 PRO A HA   1 
ATOM   261 H HB2  . PRO A 1 21 ? 2.584   3.286   5.745   1.00 30.03 ? 437 PRO A HB2  1 
ATOM   262 H HB3  . PRO A 1 21 ? 3.568   4.534   5.903   1.00 30.03 ? 437 PRO A HB3  1 
ATOM   263 H HG2  . PRO A 1 21 ? 1.399   3.847   7.512   1.00 35.57 ? 437 PRO A HG2  1 
ATOM   264 H HG3  . PRO A 1 21 ? 2.807   4.429   7.974   1.00 35.57 ? 437 PRO A HG3  1 
ATOM   265 H HD2  . PRO A 1 21 ? 0.709   5.894   7.819   1.00 31.83 ? 437 PRO A HD2  1 
ATOM   266 H HD3  . PRO A 1 21 ? 2.184   6.499   7.643   1.00 31.83 ? 437 PRO A HD3  1 
ATOM   267 N N    . PHE A 1 22 ? 0.702   3.813   3.206   1.00 24.68 ? 438 PHE A N    1 
ATOM   268 C CA   . PHE A 1 22 ? -0.219  2.817   2.662   1.00 21.61 ? 438 PHE A CA   1 
ATOM   269 C C    . PHE A 1 22 ? 0.549   1.696   2.036   1.00 23.42 ? 438 PHE A C    1 
ATOM   270 O O    . PHE A 1 22 ? 1.689   1.860   1.614   1.00 23.65 ? 438 PHE A O    1 
ATOM   271 C CB   . PHE A 1 22 ? -1.207  3.427   1.663   1.00 21.51 ? 438 PHE A CB   1 
ATOM   272 C CG   . PHE A 1 22 ? -0.605  3.954   0.389   1.00 23.41 ? 438 PHE A CG   1 
ATOM   273 C CD1  . PHE A 1 22 ? 0.160   5.114   0.381   1.00 22.59 ? 438 PHE A CD1  1 
ATOM   274 C CD2  . PHE A 1 22 ? -0.886  3.339   -0.839  1.00 23.53 ? 438 PHE A CD2  1 
ATOM   275 C CE1  . PHE A 1 22 ? 0.675   5.616   -0.822  1.00 22.07 ? 438 PHE A CE1  1 
ATOM   276 C CE2  . PHE A 1 22 ? -0.358  3.833   -2.022  1.00 25.17 ? 438 PHE A CE2  1 
ATOM   277 C CZ   . PHE A 1 22 ? 0.409   4.983   -2.010  1.00 22.83 ? 438 PHE A CZ   1 
ATOM   278 H H    . PHE A 1 22 ? 1.282   4.104   2.641   1.00 29.61 ? 438 PHE A H    1 
ATOM   279 H HA   . PHE A 1 22 ? -0.736  2.444   3.393   1.00 25.93 ? 438 PHE A HA   1 
ATOM   280 H HB2  . PHE A 1 22 ? -1.854  2.747   1.417   1.00 25.81 ? 438 PHE A HB2  1 
ATOM   281 H HB3  . PHE A 1 22 ? -1.663  4.165   2.095   1.00 25.81 ? 438 PHE A HB3  1 
ATOM   282 H HD1  . PHE A 1 22 ? 0.342   5.553   1.180   1.00 27.11 ? 438 PHE A HD1  1 
ATOM   283 H HD2  . PHE A 1 22 ? -1.403  2.567   -0.857  1.00 28.24 ? 438 PHE A HD2  1 
ATOM   284 H HE1  . PHE A 1 22 ? 1.200   6.382   -0.815  1.00 26.48 ? 438 PHE A HE1  1 
ATOM   285 H HE2  . PHE A 1 22 ? -0.543  3.406   -2.827  1.00 30.20 ? 438 PHE A HE2  1 
ATOM   286 H HZ   . PHE A 1 22 ? 0.763   5.316   -2.803  1.00 27.40 ? 438 PHE A HZ   1 
ATOM   287 N N    . PHE A 1 23 ? -0.081  0.535   1.983   1.00 19.13 ? 439 PHE A N    1 
ATOM   288 C CA   . PHE A 1 23 ? 0.587   -0.663  1.526   1.00 17.42 ? 439 PHE A CA   1 
ATOM   289 C C    . PHE A 1 23 ? 0.020   -1.041  0.176   1.00 22.09 ? 439 PHE A C    1 
ATOM   290 O O    . PHE A 1 23 ? -1.187  -0.963  -0.054  1.00 18.03 ? 439 PHE A O    1 
ATOM   291 C CB   . PHE A 1 23 ? 0.417   -1.800  2.529   1.00 19.65 ? 439 PHE A CB   1 
ATOM   292 C CG   . PHE A 1 23 ? 0.982   -1.471  3.883   1.00 20.14 ? 439 PHE A CG   1 
ATOM   293 C CD1  . PHE A 1 23 ? 0.244   -0.724  4.786   1.00 20.02 ? 439 PHE A CD1  1 
ATOM   294 C CD2  . PHE A 1 23 ? 2.280   -1.813  4.211   1.00 22.53 ? 439 PHE A CD2  1 
ATOM   295 C CE1  . PHE A 1 23 ? 0.781   -0.380  6.016   1.00 23.64 ? 439 PHE A CE1  1 
ATOM   296 C CE2  . PHE A 1 23 ? 2.810   -1.458  5.432   1.00 23.60 ? 439 PHE A CE2  1 
ATOM   297 C CZ   . PHE A 1 23 ? 2.055   -0.742  6.322   1.00 25.90 ? 439 PHE A CZ   1 
ATOM   298 H H    . PHE A 1 23 ? -0.903  0.416   2.208   1.00 22.96 ? 439 PHE A H    1 
ATOM   299 H HA   . PHE A 1 23 ? 1.536   -0.485  1.422   1.00 20.91 ? 439 PHE A HA   1 
ATOM   300 H HB2  . PHE A 1 23 ? -0.529  -1.987  2.636   1.00 23.58 ? 439 PHE A HB2  1 
ATOM   301 H HB3  . PHE A 1 23 ? 0.875   -2.587  2.195   1.00 23.58 ? 439 PHE A HB3  1 
ATOM   302 H HD1  . PHE A 1 23 ? -0.627  -0.473  4.575   1.00 24.02 ? 439 PHE A HD1  1 
ATOM   303 H HD2  . PHE A 1 23 ? 2.797   -2.295  3.606   1.00 27.04 ? 439 PHE A HD2  1 
ATOM   304 H HE1  . PHE A 1 23 ? 0.274   0.106   6.625   1.00 28.37 ? 439 PHE A HE1  1 
ATOM   305 H HE2  . PHE A 1 23 ? 3.677   -1.709  5.654   1.00 28.32 ? 439 PHE A HE2  1 
ATOM   306 H HZ   . PHE A 1 23 ? 2.412   -0.516  7.151   1.00 31.08 ? 439 PHE A HZ   1 
ATOM   307 N N    . ILE A 1 24 ? 0.916   -1.489  -0.689  1.00 19.29 ? 440 ILE A N    1 
ATOM   308 C CA   . ILE A 1 24 ? 0.593   -1.738  -2.078  1.00 17.21 ? 440 ILE A CA   1 
ATOM   309 C C    . ILE A 1 24 ? 0.790   -3.190  -2.394  1.00 19.83 ? 440 ILE A C    1 
ATOM   310 O O    . ILE A 1 24 ? 1.883   -3.726  -2.211  1.00 20.20 ? 440 ILE A O    1 
ATOM   311 C CB   . ILE A 1 24 ? 1.483   -0.882  -2.998  1.00 19.04 ? 440 ILE A CB   1 
ATOM   312 C CG1  . ILE A 1 24 ? 1.249   0.606   -2.698  1.00 23.37 ? 440 ILE A CG1  1 
ATOM   313 C CG2  . ILE A 1 24 ? 1.217   -1.216  -4.447  1.00 21.06 ? 440 ILE A CG2  1 
ATOM   314 C CD1  . ILE A 1 24 ? 2.421   1.510   -3.028  1.00 28.27 ? 440 ILE A CD1  1 
ATOM   315 H H    . ILE A 1 24 ? 1.735   -1.658  -0.489  1.00 23.15 ? 440 ILE A H    1 
ATOM   316 H HA   . ILE A 1 24 ? -0.334  -1.508  -2.243  1.00 20.65 ? 440 ILE A HA   1 
ATOM   317 H HB   . ILE A 1 24 ? 2.411   -1.089  -2.804  1.00 22.85 ? 440 ILE A HB   1 
ATOM   318 H HG12 . ILE A 1 24 ? 0.487   0.910   -3.218  1.00 28.04 ? 440 ILE A HG12 1 
ATOM   319 H HG13 . ILE A 1 24 ? 1.058   0.704   -1.752  1.00 28.04 ? 440 ILE A HG13 1 
ATOM   320 H HG21 . ILE A 1 24 ? 1.788   -0.668  -5.006  1.00 25.27 ? 440 ILE A HG21 1 
ATOM   321 H HG22 . ILE A 1 24 ? 1.411   -2.155  -4.595  1.00 25.27 ? 440 ILE A HG22 1 
ATOM   322 H HG23 . ILE A 1 24 ? 0.284   -1.034  -4.646  1.00 25.27 ? 440 ILE A HG23 1 
ATOM   323 H HD11 . ILE A 1 24 ? 2.186   2.425   -2.807  1.00 33.92 ? 440 ILE A HD11 1 
ATOM   324 H HD12 . ILE A 1 24 ? 3.191   1.231   -2.506  1.00 33.92 ? 440 ILE A HD12 1 
ATOM   325 H HD13 . ILE A 1 24 ? 2.619   1.438   -3.974  1.00 33.92 ? 440 ILE A HD13 1 
ATOM   326 N N    . ASP A 1 25 ? -0.278  -3.809  -2.891  1.00 19.96 ? 441 ASP A N    1 
ATOM   327 C CA   . ASP A 1 25 ? -0.317  -5.224  -3.211  1.00 18.05 ? 441 ASP A CA   1 
ATOM   328 C C    . ASP A 1 25 ? -0.208  -5.395  -4.712  1.00 21.10 ? 441 ASP A C    1 
ATOM   329 O O    . ASP A 1 25 ? -1.194  -5.227  -5.425  1.00 21.20 ? 441 ASP A O    1 
ATOM   330 C CB   . ASP A 1 25 ? -1.631  -5.814  -2.688  1.00 22.42 ? 441 ASP A CB   1 
ATOM   331 C CG   . ASP A 1 25 ? -1.746  -7.297  -2.906  1.00 24.67 ? 441 ASP A CG   1 
ATOM   332 O OD1  . ASP A 1 25 ? -0.834  -7.899  -3.535  1.00 23.23 ? 441 ASP A OD1  1 
ATOM   333 O OD2  . ASP A 1 25 ? -2.783  -7.852  -2.440  1.00 25.92 ? 441 ASP A OD2  1 
ATOM   334 H H    . ASP A 1 25 ? -1.021  -3.408  -3.057  1.00 23.95 ? 441 ASP A H    1 
ATOM   335 H HA   . ASP A 1 25 ? 0.425   -5.681  -2.785  1.00 21.66 ? 441 ASP A HA   1 
ATOM   336 H HB2  . ASP A 1 25 ? -1.693  -5.648  -1.734  1.00 26.90 ? 441 ASP A HB2  1 
ATOM   337 H HB3  . ASP A 1 25 ? -2.372  -5.387  -3.147  1.00 26.90 ? 441 ASP A HB3  1 
ATOM   338 N N    . HIS A 1 26 ? 1.002   -5.656  -5.199  1.00 21.40 ? 442 HIS A N    1 
ATOM   339 C CA   . HIS A 1 26 ? 1.196   -5.827  -6.640  1.00 24.67 ? 442 HIS A CA   1 
ATOM   340 C C    . HIS A 1 26 ? 0.692   -7.172  -7.138  1.00 25.42 ? 442 HIS A C    1 
ATOM   341 O O    . HIS A 1 26 ? 0.498   -7.356  -8.342  1.00 32.04 ? 442 HIS A O    1 
ATOM   342 C CB   . HIS A 1 26 ? 2.670   -5.659  -6.989  1.00 22.46 ? 442 HIS A CB   1 
ATOM   343 C CG   . HIS A 1 26 ? 3.163   -4.271  -6.785  1.00 22.07 ? 442 HIS A CG   1 
ATOM   344 N ND1  . HIS A 1 26 ? 2.908   -3.260  -7.680  1.00 25.50 ? 442 HIS A ND1  1 
ATOM   345 C CD2  . HIS A 1 26 ? 3.886   -3.715  -5.788  1.00 25.28 ? 442 HIS A CD2  1 
ATOM   346 C CE1  . HIS A 1 26 ? 3.455   -2.140  -7.248  1.00 28.56 ? 442 HIS A CE1  1 
ATOM   347 N NE2  . HIS A 1 26 ? 4.067   -2.390  -6.108  1.00 27.61 ? 442 HIS A NE2  1 
ATOM   348 H H    . HIS A 1 26 ? 1.716   -5.740  -4.727  1.00 25.68 ? 442 HIS A H    1 
ATOM   349 H HA   . HIS A 1 26 ? 0.701   -5.135  -7.105  1.00 29.60 ? 442 HIS A HA   1 
ATOM   350 H HB2  . HIS A 1 26 ? 3.196   -6.248  -6.426  1.00 26.95 ? 442 HIS A HB2  1 
ATOM   351 H HB3  . HIS A 1 26 ? 2.801   -5.888  -7.922  1.00 26.95 ? 442 HIS A HB3  1 
ATOM   352 H HD2  . HIS A 1 26 ? 4.215   -4.151  -5.035  1.00 30.34 ? 442 HIS A HD2  1 
ATOM   353 H HE1  . HIS A 1 26 ? 3.426   -1.318  -7.682  1.00 34.27 ? 442 HIS A HE1  1 
ATOM   354 N N    . ASN A 1 27 ? 0.478   -8.106  -6.219  1.00 25.94 ? 443 ASN A N    1 
ATOM   355 C CA   . ASN A 1 27 ? -0.109  -9.404  -6.548  1.00 25.85 ? 443 ASN A CA   1 
ATOM   356 C C    . ASN A 1 27 ? -1.550  -9.297  -7.042  1.00 30.40 ? 443 ASN A C    1 
ATOM   357 O O    . ASN A 1 27 ? -1.972  -10.084 -7.894  1.00 31.29 ? 443 ASN A O    1 
ATOM   358 C CB   . ASN A 1 27 ? -0.059  -10.331 -5.344  1.00 30.02 ? 443 ASN A CB   1 
ATOM   359 C CG   . ASN A 1 27 ? 1.344   -10.554 -4.856  1.00 30.41 ? 443 ASN A CG   1 
ATOM   360 O OD1  . ASN A 1 27 ? 2.234   -10.840 -5.645  1.00 33.07 ? 443 ASN A OD1  1 
ATOM   361 N ND2  . ASN A 1 27 ? 1.560   -10.394 -3.564  1.00 34.69 ? 443 ASN A ND2  1 
ATOM   362 H H    . ASN A 1 27 ? 0.666   -8.012  -5.385  1.00 31.13 ? 443 ASN A H    1 
ATOM   363 H HA   . ASN A 1 27 ? 0.415   -9.811  -7.256  1.00 31.02 ? 443 ASN A HA   1 
ATOM   364 H HB2  . ASN A 1 27 ? -0.571  -9.939  -4.621  1.00 36.03 ? 443 ASN A HB2  1 
ATOM   365 H HB3  . ASN A 1 27 ? -0.434  -11.191 -5.591  1.00 36.03 ? 443 ASN A HB3  1 
ATOM   366 H HD21 . ASN A 1 27 ? 2.348   -10.514 -3.241  1.00 41.63 ? 443 ASN A HD21 1 
ATOM   367 H HD22 . ASN A 1 27 ? 0.913   -10.167 -3.045  1.00 41.63 ? 443 ASN A HD22 1 
ATOM   368 N N    . THR A 1 28 ? -2.313  -8.340  -6.506  1.00 23.89 ? 444 THR A N    1 
ATOM   369 C CA   . THR A 1 28 ? -3.707  -8.186  -6.892  1.00 21.52 ? 444 THR A CA   1 
ATOM   370 C C    . THR A 1 28 ? -4.017  -6.795  -7.445  1.00 23.86 ? 444 THR A C    1 
ATOM   371 O O    . THR A 1 28 ? -5.163  -6.522  -7.846  1.00 24.40 ? 444 THR A O    1 
ATOM   372 C CB   . THR A 1 28 ? -4.644  -8.442  -5.714  1.00 23.27 ? 444 THR A CB   1 
ATOM   373 O OG1  . THR A 1 28 ? -4.293  -7.554  -4.645  1.00 23.74 ? 444 THR A OG1  1 
ATOM   374 C CG2  . THR A 1 28 ? -4.524  -9.879  -5.212  1.00 24.61 ? 444 THR A CG2  1 
ATOM   375 H H    . THR A 1 28 ? -2.043  -7.771  -5.919  1.00 28.67 ? 444 THR A H    1 
ATOM   376 H HA   . THR A 1 28 ? -3.913  -8.834  -7.584  1.00 25.82 ? 444 THR A HA   1 
ATOM   377 H HB   . THR A 1 28 ? -5.562  -8.282  -5.984  1.00 27.92 ? 444 THR A HB   1 
ATOM   378 H HG1  . THR A 1 28 ? -3.498  -7.690  -4.408  1.00 28.49 ? 444 THR A HG1  1 
ATOM   379 H HG21 . THR A 1 28 ? -5.126  -10.021 -4.465  1.00 29.54 ? 444 THR A HG21 1 
ATOM   380 H HG22 . THR A 1 28 ? -4.752  -10.499 -5.923  1.00 29.54 ? 444 THR A HG22 1 
ATOM   381 H HG23 . THR A 1 28 ? -3.615  -10.054 -4.922  1.00 29.54 ? 444 THR A HG23 1 
ATOM   382 N N    . LYS A 1 29 ? -3.005  -5.924  -7.475  1.00 22.51 ? 445 LYS A N    1 
ATOM   383 C CA   . LYS A 1 29 ? -3.144  -4.549  -7.973  1.00 19.64 ? 445 LYS A CA   1 
ATOM   384 C C    . LYS A 1 29 ? -4.174  -3.824  -7.152  1.00 20.81 ? 445 LYS A C    1 
ATOM   385 O O    . LYS A 1 29 ? -5.139  -3.250  -7.664  1.00 21.23 ? 445 LYS A O    1 
ATOM   386 C CB   . LYS A 1 29 ? -3.509  -4.515  -9.454  1.00 25.41 ? 445 LYS A CB   1 
ATOM   387 C CG   . LYS A 1 29 ? -2.456  -5.189  -10.309 1.00 26.16 ? 445 LYS A CG   1 
ATOM   388 C CD   . LYS A 1 29 ? -2.754  -5.029  -11.780 1.00 33.76 ? 445 LYS A CD   1 
ATOM   389 C CE   . LYS A 1 29 ? -1.619  -5.580  -12.607 1.00 41.13 ? 445 LYS A CE   1 
ATOM   390 N NZ   . LYS A 1 29 ? -1.923  -5.561  -14.070 1.00 59.27 ? 445 LYS A NZ   1 
ATOM   391 H H    . LYS A 1 29 ? -2.209  -6.109  -7.208  1.00 27.01 ? 445 LYS A H    1 
ATOM   392 H HA   . LYS A 1 29 ? -2.299  -4.089  -7.864  1.00 23.57 ? 445 LYS A HA   1 
ATOM   393 H HB2  . LYS A 1 29 ? -4.350  -4.981  -9.587  1.00 30.49 ? 445 LYS A HB2  1 
ATOM   394 H HB3  . LYS A 1 29 ? -3.588  -3.593  -9.742  1.00 30.49 ? 445 LYS A HB3  1 
ATOM   395 H HG2  . LYS A 1 29 ? -1.592  -4.789  -10.128 1.00 31.39 ? 445 LYS A HG2  1 
ATOM   396 H HG3  . LYS A 1 29 ? -2.437  -6.138  -10.105 1.00 31.39 ? 445 LYS A HG3  1 
ATOM   397 H HD2  . LYS A 1 29 ? -3.562  -5.517  -12.002 1.00 40.52 ? 445 LYS A HD2  1 
ATOM   398 H HD3  . LYS A 1 29 ? -2.858  -4.087  -11.988 1.00 40.52 ? 445 LYS A HD3  1 
ATOM   399 H HE2  . LYS A 1 29 ? -0.827  -5.041  -12.457 1.00 49.35 ? 445 LYS A HE2  1 
ATOM   400 H HE3  . LYS A 1 29 ? -1.453  -6.499  -12.345 1.00 49.35 ? 445 LYS A HE3  1 
ATOM   401 H HZ1  . LYS A 1 29 ? -1.234  -5.892  -14.527 1.00 71.13 ? 445 LYS A HZ1  1 
ATOM   402 H HZ2  . LYS A 1 29 ? -2.644  -6.055  -14.236 1.00 71.13 ? 445 LYS A HZ2  1 
ATOM   403 H HZ3  . LYS A 1 29 ? -2.074  -4.727  -14.338 1.00 71.13 ? 445 LYS A HZ3  1 
ATOM   404 N N    . THR A 1 30 ? -3.951  -3.863  -5.843  1.00 21.47 ? 446 THR A N    1 
ATOM   405 C CA   . THR A 1 30 ? -4.802  -3.176  -4.883  1.00 21.96 ? 446 THR A CA   1 
ATOM   406 C C    . THR A 1 30 ? -3.916  -2.530  -3.814  1.00 19.87 ? 446 THR A C    1 
ATOM   407 O O    . THR A 1 30 ? -2.708  -2.776  -3.779  1.00 19.39 ? 446 THR A O    1 
ATOM   408 C CB   . THR A 1 30 ? -5.788  -4.148  -4.214  1.00 22.95 ? 446 THR A CB   1 
ATOM   409 O OG1  . THR A 1 30 ? -5.052  -5.175  -3.547  1.00 19.28 ? 446 THR A OG1  1 
ATOM   410 C CG2  . THR A 1 30 ? -6.691  -4.782  -5.253  1.00 20.88 ? 446 THR A CG2  1 
ATOM   411 H H    . THR A 1 30 ? -3.299  -4.291  -5.481  1.00 25.76 ? 446 THR A H    1 
ATOM   412 H HA   . THR A 1 30 ? -5.308  -2.481  -5.333  1.00 26.35 ? 446 THR A HA   1 
ATOM   413 H HB   . THR A 1 30 ? -6.337  -3.669  -3.573  1.00 27.54 ? 446 THR A HB   1 
ATOM   414 H HG1  . THR A 1 30 ? -4.579  -5.595  -4.099  1.00 23.14 ? 446 THR A HG1  1 
ATOM   415 H HG21 . THR A 1 30 ? -7.311  -5.393  -4.824  1.00 25.05 ? 446 THR A HG21 1 
ATOM   416 H HG22 . THR A 1 30 ? -7.196  -4.094  -5.716  1.00 25.05 ? 446 THR A HG22 1 
ATOM   417 H HG23 . THR A 1 30 ? -6.160  -5.272  -5.899  1.00 25.05 ? 446 THR A HG23 1 
ATOM   418 N N    . THR A 1 31 ? -4.520  -1.679  -2.987  1.00 16.58 ? 447 THR A N    1 
ATOM   419 C CA   . THR A 1 31 ? -3.834  -1.035  -1.868  1.00 17.79 ? 447 THR A CA   1 
ATOM   420 C C    . THR A 1 31 ? -4.682  -1.098  -0.604  1.00 18.65 ? 447 THR A C    1 
ATOM   421 O O    . THR A 1 31 ? -5.870  -1.419  -0.648  1.00 16.95 ? 447 THR A O    1 
ATOM   422 C CB   . THR A 1 31 ? -3.542  0.436   -2.158  1.00 18.68 ? 447 THR A CB   1 
ATOM   423 O OG1  . THR A 1 31 ? -4.782  1.154   -2.212  1.00 17.38 ? 447 THR A OG1  1 
ATOM   424 C CG2  . THR A 1 31 ? -2.805  0.604   -3.474  1.00 17.06 ? 447 THR A CG2  1 
ATOM   425 H H    . THR A 1 31 ? -5.348  -1.454  -3.055  1.00 19.90 ? 447 THR A H    1 
ATOM   426 H HA   . THR A 1 31 ? -2.994  -1.489  -1.698  1.00 21.35 ? 447 THR A HA   1 
ATOM   427 H HB   . THR A 1 31 ? -2.989  0.802   -1.449  1.00 22.42 ? 447 THR A HB   1 
ATOM   428 H HG1  . THR A 1 31 ? -4.637  1.967   -2.371  1.00 20.85 ? 447 THR A HG1  1 
ATOM   429 H HG21 . THR A 1 31 ? -2.631  1.544   -3.638  1.00 20.48 ? 447 THR A HG21 1 
ATOM   430 H HG22 . THR A 1 31 ? -1.961  0.127   -3.444  1.00 20.48 ? 447 THR A HG22 1 
ATOM   431 H HG23 . THR A 1 31 ? -3.342  0.251   -4.201  1.00 20.48 ? 447 THR A HG23 1 
ATOM   432 N N    . THR A 1 32 ? -4.071  -0.751  0.523   1.00 16.99 ? 448 THR A N    1 
ATOM   433 C CA   . THR A 1 32 ? -4.755  -0.800  1.803   1.00 17.49 ? 448 THR A CA   1 
ATOM   434 C C    . THR A 1 32 ? -4.017  0.045   2.811   1.00 21.50 ? 448 THR A C    1 
ATOM   435 O O    . THR A 1 32 ? -2.794  0.224   2.699   1.00 19.50 ? 448 THR A O    1 
ATOM   436 C CB   . THR A 1 32 ? -4.861  -2.251  2.358   1.00 19.85 ? 448 THR A CB   1 
ATOM   437 O OG1  . THR A 1 32 ? -5.454  -2.220  3.666   1.00 22.40 ? 448 THR A OG1  1 
ATOM   438 C CG2  . THR A 1 32 ? -3.497  -2.909  2.452   1.00 17.00 ? 448 THR A CG2  1 
ATOM   439 H H    . THR A 1 32 ? -3.255  -0.482  0.571   1.00 20.39 ? 448 THR A H    1 
ATOM   440 H HA   . THR A 1 32 ? -5.651  -0.444  1.702   1.00 20.99 ? 448 THR A HA   1 
ATOM   441 H HB   . THR A 1 32 ? -5.417  -2.783  1.767   1.00 23.82 ? 448 THR A HB   1 
ATOM   442 H HG1  . THR A 1 32 ? -6.221  -1.881  3.624   1.00 26.88 ? 448 THR A HG1  1 
ATOM   443 H HG21 . THR A 1 32 ? -3.587  -3.810  2.800   1.00 20.40 ? 448 THR A HG21 1 
ATOM   444 H HG22 . THR A 1 32 ? -3.088  -2.950  1.574   1.00 20.40 ? 448 THR A HG22 1 
ATOM   445 H HG23 . THR A 1 32 ? -2.923  -2.399  3.044   1.00 20.40 ? 448 THR A HG23 1 
ATOM   446 N N    . TRP A 1 33 ? -4.749  0.580   3.785   1.00 20.27 ? 449 TRP A N    1 
ATOM   447 C CA   . TRP A 1 33 ? -4.097  1.299   4.884   1.00 22.31 ? 449 TRP A CA   1 
ATOM   448 C C    . TRP A 1 33 ? -3.460  0.339   5.860   1.00 22.33 ? 449 TRP A C    1 
ATOM   449 O O    . TRP A 1 33 ? -2.612  0.740   6.665   1.00 24.89 ? 449 TRP A O    1 
ATOM   450 C CB   . TRP A 1 33 ? -5.082  2.162   5.677   1.00 21.43 ? 449 TRP A CB   1 
ATOM   451 C CG   . TRP A 1 33 ? -5.577  3.426   5.085   1.00 22.80 ? 449 TRP A CG   1 
ATOM   452 C CD1  . TRP A 1 33 ? -6.885  3.823   5.023   1.00 20.61 ? 449 TRP A CD1  1 
ATOM   453 C CD2  . TRP A 1 33 ? -4.809  4.510   4.554   1.00 21.60 ? 449 TRP A CD2  1 
ATOM   454 N NE1  . TRP A 1 33 ? -6.979  5.065   4.488   1.00 20.67 ? 449 TRP A NE1  1 
ATOM   455 C CE2  . TRP A 1 33 ? -5.721  5.511   4.170   1.00 22.04 ? 449 TRP A CE2  1 
ATOM   456 C CE3  . TRP A 1 33 ? -3.439  4.725   4.346   1.00 23.73 ? 449 TRP A CE3  1 
ATOM   457 C CZ2  . TRP A 1 33 ? -5.312  6.697   3.594   1.00 21.87 ? 449 TRP A CZ2  1 
ATOM   458 C CZ3  . TRP A 1 33 ? -3.033  5.909   3.781   1.00 24.90 ? 449 TRP A CZ3  1 
ATOM   459 C CH2  . TRP A 1 33 ? -3.964  6.879   3.400   1.00 24.56 ? 449 TRP A CH2  1 
ATOM   460 H H    . TRP A 1 33 ? -5.606  0.543   3.836   1.00 24.32 ? 449 TRP A H    1 
ATOM   461 H HA   . TRP A 1 33 ? -3.404  1.876   4.526   1.00 26.77 ? 449 TRP A HA   1 
ATOM   462 H HB2  . TRP A 1 33 ? -5.864  1.618   5.863   1.00 25.72 ? 449 TRP A HB2  1 
ATOM   463 H HB3  . TRP A 1 33 ? -4.656  2.397   6.516   1.00 25.72 ? 449 TRP A HB3  1 
ATOM   464 H HD1  . TRP A 1 33 ? -7.606  3.320   5.326   1.00 24.73 ? 449 TRP A HD1  1 
ATOM   465 H HE1  . TRP A 1 33 ? -7.712  5.490   4.340   1.00 24.81 ? 449 TRP A HE1  1 
ATOM   466 H HE3  . TRP A 1 33 ? -2.816  4.080   4.594   1.00 28.47 ? 449 TRP A HE3  1 
ATOM   467 H HZ2  . TRP A 1 33 ? -5.927  7.347   3.344   1.00 26.24 ? 449 TRP A HZ2  1 
ATOM   468 H HZ3  . TRP A 1 33 ? -2.128  6.060   3.634   1.00 29.87 ? 449 TRP A HZ3  1 
ATOM   469 H HH2  . TRP A 1 33 ? -3.663  7.671   3.016   1.00 29.47 ? 449 TRP A HH2  1 
ATOM   470 N N    . GLU A 1 34 ? -3.906  -0.915  5.858   1.00 18.08 ? 450 GLU A N    1 
ATOM   471 C CA   . GLU A 1 34 ? -3.509  -1.859  6.912   1.00 19.24 ? 450 GLU A CA   1 
ATOM   472 C C    . GLU A 1 34 ? -2.241  -2.615  6.559   1.00 24.30 ? 450 GLU A C    1 
ATOM   473 O O    . GLU A 1 34 ? -2.052  -3.068  5.436   1.00 19.96 ? 450 GLU A O    1 
ATOM   474 C CB   . GLU A 1 34 ? -4.624  -2.857  7.200   1.00 23.91 ? 450 GLU A CB   1 
ATOM   475 C CG   . GLU A 1 34 ? -5.727  -2.249  8.012   1.00 30.94 ? 450 GLU A CG   1 
ATOM   476 C CD   . GLU A 1 34 ? -6.713  -3.270  8.552   1.00 35.11 ? 450 GLU A CD   1 
ATOM   477 O OE1  . GLU A 1 34 ? -7.531  -3.716  7.729   1.00 24.61 ? 450 GLU A OE1  1 
ATOM   478 O OE2  . GLU A 1 34 ? -6.681  -3.581  9.780   1.00 34.56 ? 450 GLU A OE2  1 
ATOM   479 H H    . GLU A 1 34 ? -4.434  -1.245  5.264   1.00 21.69 ? 450 GLU A H    1 
ATOM   480 H HA   . GLU A 1 34 ? -3.338  -1.361  7.727   1.00 23.08 ? 450 GLU A HA   1 
ATOM   481 H HB2  . GLU A 1 34 ? -5.001  -3.165  6.360   1.00 28.69 ? 450 GLU A HB2  1 
ATOM   482 H HB3  . GLU A 1 34 ? -4.261  -3.607  7.698   1.00 28.69 ? 450 GLU A HB3  1 
ATOM   483 H HG2  . GLU A 1 34 ? -5.340  -1.779  8.767   1.00 37.13 ? 450 GLU A HG2  1 
ATOM   484 H HG3  . GLU A 1 34 ? -6.221  -1.626  7.454   1.00 37.13 ? 450 GLU A HG3  1 
ATOM   485 N N    . ASP A 1 35 ? -1.366  -2.733  7.546   1.00 23.42 ? 451 ASP A N    1 
ATOM   486 C CA   . ASP A 1 35 ? -0.104  -3.451  7.392   1.00 22.09 ? 451 ASP A CA   1 
ATOM   487 C C    . ASP A 1 35 ? -0.345  -4.946  7.238   1.00 23.36 ? 451 ASP A C    1 
ATOM   488 O O    . ASP A 1 35 ? -1.027  -5.549  8.097   1.00 23.15 ? 451 ASP A O    1 
ATOM   489 C CB   . ASP A 1 35 ? 0.748   -3.174  8.618   1.00 24.47 ? 451 ASP A CB   1 
ATOM   490 C CG   . ASP A 1 35 ? 2.162   -3.638  8.492   1.00 28.91 ? 451 ASP A CG   1 
ATOM   491 O OD1  . ASP A 1 35 ? 2.452   -4.625  7.771   1.00 24.61 ? 451 ASP A OD1  1 
ATOM   492 O OD2  . ASP A 1 35 ? 2.979   -2.999  9.197   1.00 31.79 ? 451 ASP A OD2  1 
ATOM   493 H H    . ASP A 1 35 ? -1.481  -2.402  8.331   1.00 28.10 ? 451 ASP A H    1 
ATOM   494 H HA   . ASP A 1 35 ? 0.364   -3.127  6.607   1.00 26.51 ? 451 ASP A HA   1 
ATOM   495 H HB2  . ASP A 1 35 ? 0.764   -2.218  8.779   1.00 29.37 ? 451 ASP A HB2  1 
ATOM   496 H HB3  . ASP A 1 35 ? 0.356   -3.628  9.381   1.00 29.37 ? 451 ASP A HB3  1 
ATOM   497 N N    . PRO A 1 36 ? 0.189   -5.562  6.166   1.00 21.12 ? 452 PRO A N    1 
ATOM   498 C CA   . PRO A 1 36 ? -0.041  -6.983  5.856   1.00 21.02 ? 452 PRO A CA   1 
ATOM   499 C C    . PRO A 1 36 ? 0.869   -7.941  6.590   1.00 28.76 ? 452 PRO A C    1 
ATOM   500 O O    . PRO A 1 36 ? 0.717   -9.149  6.452   1.00 29.31 ? 452 PRO A O    1 
ATOM   501 C CB   . PRO A 1 36 ? 0.239   -7.047  4.362   1.00 25.82 ? 452 PRO A CB   1 
ATOM   502 C CG   . PRO A 1 36 ? 1.323   -6.016  4.179   1.00 25.10 ? 452 PRO A CG   1 
ATOM   503 C CD   . PRO A 1 36 ? 0.946   -4.893  5.082   1.00 24.20 ? 452 PRO A CD   1 
ATOM   504 H HA   . PRO A 1 36 ? -0.965  -7.222  6.022   1.00 25.22 ? 452 PRO A HA   1 
ATOM   505 H HB2  . PRO A 1 36 ? 0.554   -7.932  4.119   1.00 30.99 ? 452 PRO A HB2  1 
ATOM   506 H HB3  . PRO A 1 36 ? -0.558  -6.809  3.862   1.00 30.99 ? 452 PRO A HB3  1 
ATOM   507 H HG2  . PRO A 1 36 ? 2.179   -6.391  4.438   1.00 30.12 ? 452 PRO A HG2  1 
ATOM   508 H HG3  . PRO A 1 36 ? 1.342   -5.721  3.255   1.00 30.12 ? 452 PRO A HG3  1 
ATOM   509 H HD2  . PRO A 1 36 ? 1.740   -4.464  5.439   1.00 29.03 ? 452 PRO A HD2  1 
ATOM   510 H HD3  . PRO A 1 36 ? 0.379   -4.259  4.615   1.00 29.03 ? 452 PRO A HD3  1 
ATOM   511 N N    . ARG A 1 37 ? 1.803   -7.414  7.370   1.00 26.27 ? 453 ARG A N    1 
ATOM   512 C CA   . ARG A 1 37 ? 2.798   -8.256  8.023   1.00 26.50 ? 453 ARG A CA   1 
ATOM   513 C C    . ARG A 1 37 ? 2.213   -9.017  9.220   1.00 34.58 ? 453 ARG A C    1 
ATOM   514 O O    . ARG A 1 37 ? 2.820   -9.981  9.701   1.00 37.44 ? 453 ARG A O    1 
ATOM   515 C CB   . ARG A 1 37 ? 3.996   -7.390  8.434   1.00 26.14 ? 453 ARG A CB   1 
ATOM   516 C CG   . ARG A 1 37 ? 4.818   -7.011  7.205   1.00 26.23 ? 453 ARG A CG   1 
ATOM   517 C CD   . ARG A 1 37 ? 5.928   -6.039  7.510   1.00 23.81 ? 453 ARG A CD   1 
ATOM   518 N NE   . ARG A 1 37 ? 5.399   -4.743  7.867   1.00 24.46 ? 453 ARG A NE   1 
ATOM   519 C CZ   . ARG A 1 37 ? 6.154   -3.695  8.157   1.00 25.55 ? 453 ARG A CZ   1 
ATOM   520 N NH1  . ARG A 1 37 ? 7.470   -3.819  8.161   1.00 28.78 ? 453 ARG A NH1  1 
ATOM   521 N NH2  . ARG A 1 37 ? 5.600   -2.533  8.459   1.00 27.43 ? 453 ARG A NH2  1 
ATOM   522 O OXT  . ARG A 1 37 ? 1.122   -8.720  9.715   1.00 34.06 ? 453 ARG A OXT  1 
ATOM   523 H H    . ARG A 1 37 ? 1.883   -6.574  7.537   1.00 31.53 ? 453 ARG A H    1 
ATOM   524 H HA   . ARG A 1 37 ? 3.116   -8.914  7.385   1.00 31.80 ? 453 ARG A HA   1 
ATOM   525 H HB2  . ARG A 1 37 ? 3.678   -6.576  8.854   1.00 31.37 ? 453 ARG A HB2  1 
ATOM   526 H HB3  . ARG A 1 37 ? 4.563   -7.888  9.042   1.00 31.37 ? 453 ARG A HB3  1 
ATOM   527 H HG2  . ARG A 1 37 ? 5.218   -7.813  6.835   1.00 31.47 ? 453 ARG A HG2  1 
ATOM   528 H HG3  . ARG A 1 37 ? 4.233   -6.600  6.550   1.00 31.47 ? 453 ARG A HG3  1 
ATOM   529 H HD2  . ARG A 1 37 ? 6.451   -6.372  8.256   1.00 28.57 ? 453 ARG A HD2  1 
ATOM   530 H HD3  . ARG A 1 37 ? 6.489   -5.934  6.725   1.00 28.57 ? 453 ARG A HD3  1 
ATOM   531 H HE   . ARG A 1 37 ? 4.551   -4.621  7.797   1.00 29.35 ? 453 ARG A HE   1 
ATOM   532 H HH11 . ARG A 1 37 ? 7.831   -4.574  7.962   1.00 34.54 ? 453 ARG A HH11 1 
ATOM   533 H HH12 . ARG A 1 37 ? 7.965   -3.143  8.354   1.00 34.54 ? 453 ARG A HH12 1 
ATOM   534 H HH21 . ARG A 1 37 ? 4.744   -2.453  8.464   1.00 32.91 ? 453 ARG A HH21 1 
ATOM   535 H HH22 . ARG A 1 37 ? 6.096   -1.860  8.659   1.00 32.91 ? 453 ARG A HH22 1 
ATOM   536 N N    . GLU B 2 3  ? -10.947 9.752   3.047   1.00 47.64 ? 344 GLU B N    1 
ATOM   537 C CA   . GLU B 2 3  ? -9.788  9.220   3.749   1.00 33.39 ? 344 GLU B CA   1 
ATOM   538 C C    . GLU B 2 3  ? -9.405  7.790   3.330   1.00 25.37 ? 344 GLU B C    1 
ATOM   539 O O    . GLU B 2 3  ? -8.625  7.154   4.025   1.00 26.34 ? 344 GLU B O    1 
ATOM   540 C CB   . GLU B 2 3  ? -10.010 9.251   5.270   1.00 27.13 ? 344 GLU B CB   1 
ATOM   541 C CG   . GLU B 2 3  ? -11.029 8.252   5.829   1.00 25.66 ? 344 GLU B CG   1 
ATOM   542 C CD   . GLU B 2 3  ? -11.108 8.296   7.374   1.00 51.33 ? 344 GLU B CD   1 
ATOM   543 O OE1  . GLU B 2 3  ? -10.356 7.545   8.055   1.00 47.07 ? 344 GLU B OE1  1 
ATOM   544 O OE2  . GLU B 2 3  ? -11.932 9.075   7.916   1.00 46.11 ? 344 GLU B OE2  1 
ATOM   545 H HA   . GLU B 2 3  ? -9.028  9.790   3.556   1.00 40.06 ? 344 GLU B HA   1 
ATOM   546 H HB2  . GLU B 2 3  ? -9.161  9.070   5.704   1.00 32.56 ? 344 GLU B HB2  1 
ATOM   547 H HB3  . GLU B 2 3  ? -10.312 10.139  5.516   1.00 32.56 ? 344 GLU B HB3  1 
ATOM   548 H HG2  . GLU B 2 3  ? -11.908 8.463   5.476   1.00 30.79 ? 344 GLU B HG2  1 
ATOM   549 H HG3  . GLU B 2 3  ? -10.772 7.354   5.566   1.00 30.79 ? 344 GLU B HG3  1 
ATOM   550 N N    . ALA B 2 4  ? -9.933  7.302   2.206   1.00 23.69 ? 345 ALA B N    1 
ATOM   551 C CA   . ALA B 2 4  ? -9.470  6.043   1.636   1.00 25.63 ? 345 ALA B CA   1 
ATOM   552 C C    . ALA B 2 4  ? -8.038  6.199   1.134   1.00 24.62 ? 345 ALA B C    1 
ATOM   553 O O    . ALA B 2 4  ? -7.614  7.315   0.803   1.00 24.92 ? 345 ALA B O    1 
ATOM   554 C CB   . ALA B 2 4  ? -10.359 5.610   0.497   1.00 25.74 ? 345 ALA B CB   1 
ATOM   555 H H    . ALA B 2 4  ? -10.560 7.684   1.756   1.00 28.43 ? 345 ALA B H    1 
ATOM   556 H HA   . ALA B 2 4  ? -9.485  5.353   2.319   1.00 30.76 ? 345 ALA B HA   1 
ATOM   557 H HB1  . ALA B 2 4  ? -10.028 4.771   0.140   1.00 30.88 ? 345 ALA B HB1  1 
ATOM   558 H HB2  . ALA B 2 4  ? -11.263 5.494   0.830   1.00 30.88 ? 345 ALA B HB2  1 
ATOM   559 H HB3  . ALA B 2 4  ? -10.344 6.292   -0.191  1.00 30.88 ? 345 ALA B HB3  1 
ATOM   560 N N    . PRO B 2 5  ? -7.315  5.082   1.017   1.00 21.47 ? 346 PRO B N    1 
ATOM   561 C CA   . PRO B 2 5  ? -5.952  5.151   0.493   1.00 22.52 ? 346 PRO B CA   1 
ATOM   562 C C    . PRO B 2 5  ? -5.923  5.433   -0.990  1.00 22.95 ? 346 PRO B C    1 
ATOM   563 O O    . PRO B 2 5  ? -6.911  5.203   -1.699  1.00 20.95 ? 346 PRO B O    1 
ATOM   564 C CB   . PRO B 2 5  ? -5.398  3.757   0.759   1.00 21.68 ? 346 PRO B CB   1 
ATOM   565 C CG   . PRO B 2 5  ? -6.553  2.897   0.753   1.00 25.25 ? 346 PRO B CG   1 
ATOM   566 C CD   . PRO B 2 5  ? -7.704  3.695   1.314   1.00 23.90 ? 346 PRO B CD   1 
ATOM   567 H HA   . PRO B 2 5  ? -5.428  5.815   0.970   1.00 27.02 ? 346 PRO B HA   1 
ATOM   568 H HB2  . PRO B 2 5  ? -4.782  3.509   0.051   1.00 26.01 ? 346 PRO B HB2  1 
ATOM   569 H HB3  . PRO B 2 5  ? -4.957  3.737   1.622   1.00 26.01 ? 346 PRO B HB3  1 
ATOM   570 H HG2  . PRO B 2 5  ? -6.745  2.622   -0.157  1.00 30.30 ? 346 PRO B HG2  1 
ATOM   571 H HG3  . PRO B 2 5  ? -6.377  2.122   1.309   1.00 30.30 ? 346 PRO B HG3  1 
ATOM   572 H HD2  . PRO B 2 5  ? -8.530  3.468   0.858   1.00 28.68 ? 346 PRO B HD2  1 
ATOM   573 H HD3  . PRO B 2 5  ? -7.776  3.561   2.272   1.00 28.68 ? 346 PRO B HD3  1 
ATOM   574 N N    . PRO B 2 6  ? -4.772  5.893   -1.473  1.00 22.04 ? 347 PRO B N    1 
ATOM   575 C CA   . PRO B 2 6  ? -4.613  6.029   -2.915  1.00 19.60 ? 347 PRO B CA   1 
ATOM   576 C C    . PRO B 2 6  ? -4.848  4.677   -3.562  1.00 19.06 ? 347 PRO B C    1 
ATOM   577 O O    . PRO B 2 6  ? -4.493  3.650   -2.998  1.00 20.68 ? 347 PRO B O    1 
ATOM   578 C CB   . PRO B 2 6  ? -3.163  6.492   -3.069  1.00 22.93 ? 347 PRO B CB   1 
ATOM   579 C CG   . PRO B 2 6  ? -2.802  7.072   -1.770  1.00 21.99 ? 347 PRO B CG   1 
ATOM   580 C CD   . PRO B 2 6  ? -3.562  6.289   -0.739  1.00 23.30 ? 347 PRO B CD   1 
ATOM   581 H HA   . PRO B 2 6  ? -5.221  6.692   -3.278  1.00 23.52 ? 347 PRO B HA   1 
ATOM   582 H HB2  . PRO B 2 6  ? -2.597  5.731   -3.273  1.00 27.52 ? 347 PRO B HB2  1 
ATOM   583 H HB3  . PRO B 2 6  ? -3.106  7.159   -3.769  1.00 27.52 ? 347 PRO B HB3  1 
ATOM   584 H HG2  . PRO B 2 6  ? -1.847  6.981   -1.629  1.00 26.39 ? 347 PRO B HG2  1 
ATOM   585 H HG3  . PRO B 2 6  ? -3.063  8.005   -1.749  1.00 26.39 ? 347 PRO B HG3  1 
ATOM   586 H HD2  . PRO B 2 6  ? -3.058  5.508   -0.463  1.00 27.96 ? 347 PRO B HD2  1 
ATOM   587 H HD3  . PRO B 2 6  ? -3.791  6.854   0.016   1.00 27.96 ? 347 PRO B HD3  1 
ATOM   588 N N    . SER B 2 7  ? -5.475  4.668   -4.730  1.00 20.73 ? 348 SER B N    1 
ATOM   589 C CA   . SER B 2 7  ? -5.737  3.421   -5.395  1.00 19.54 ? 348 SER B CA   1 
ATOM   590 C C    . SER B 2 7  ? -4.522  2.978   -6.149  1.00 19.32 ? 348 SER B C    1 
ATOM   591 O O    . SER B 2 7  ? -3.561  3.738   -6.330  1.00 22.18 ? 348 SER B O    1 
ATOM   592 C CB   . SER B 2 7  ? -6.919  3.551   -6.322  1.00 27.15 ? 348 SER B CB   1 
ATOM   593 O OG   . SER B 2 7  ? -6.601  4.436   -7.348  1.00 32.55 ? 348 SER B OG   1 
ATOM   594 H H    . SER B 2 7  ? -5.754  5.366   -5.147  1.00 24.87 ? 348 SER B H    1 
ATOM   595 H HA   . SER B 2 7  ? -5.945  2.744   -4.732  1.00 23.45 ? 348 SER B HA   1 
ATOM   596 H HB2  . SER B 2 7  ? -7.127  2.682   -6.701  1.00 32.58 ? 348 SER B HB2  1 
ATOM   597 H HB3  . SER B 2 7  ? -7.679  3.893   -5.827  1.00 32.58 ? 348 SER B HB3  1 
ATOM   598 H HG   . SER B 2 7  ? -6.414  5.190   -7.029  1.00 39.06 ? 348 SER B HG   1 
ATOM   599 N N    . TYR B 2 8  ? -4.555  1.736   -6.598  1.00 20.95 ? 349 TYR B N    1 
ATOM   600 C CA   . TYR B 2 8  ? -3.381  1.157   -7.235  1.00 18.48 ? 349 TYR B CA   1 
ATOM   601 C C    . TYR B 2 8  ? -2.990  1.944   -8.475  1.00 21.95 ? 349 TYR B C    1 
ATOM   602 O O    . TYR B 2 8  ? -1.816  2.051   -8.800  1.00 23.67 ? 349 TYR B O    1 
ATOM   603 C CB   . TYR B 2 8  ? -3.640  -0.277  -7.601  1.00 22.73 ? 349 TYR B CB   1 
ATOM   604 C CG   . TYR B 2 8  ? -2.407  -0.979  -8.086  1.00 21.59 ? 349 TYR B CG   1 
ATOM   605 C CD1  . TYR B 2 8  ? -1.479  -1.470  -7.178  1.00 20.97 ? 349 TYR B CD1  1 
ATOM   606 C CD2  . TYR B 2 8  ? -2.161  -1.132  -9.433  1.00 25.79 ? 349 TYR B CD2  1 
ATOM   607 C CE1  . TYR B 2 8  ? -0.371  -2.109  -7.595  1.00 21.41 ? 349 TYR B CE1  1 
ATOM   608 C CE2  . TYR B 2 8  ? -1.052  -1.775  -9.861  1.00 24.35 ? 349 TYR B CE2  1 
ATOM   609 C CZ   . TYR B 2 8  ? -0.150  -2.248  -8.929  1.00 23.61 ? 349 TYR B CZ   1 
ATOM   610 O OH   . TYR B 2 8  ? 0.990   -2.895  -9.324  1.00 29.11 ? 349 TYR B OH   1 
ATOM   611 H H    . TYR B 2 8  ? -5.233  1.210   -6.547  1.00 25.14 ? 349 TYR B H    1 
ATOM   612 H HA   . TYR B 2 8  ? -2.636  1.180   -6.614  1.00 22.17 ? 349 TYR B HA   1 
ATOM   613 H HB2  . TYR B 2 8  ? -3.967  -0.750  -6.820  1.00 27.28 ? 349 TYR B HB2  1 
ATOM   614 H HB3  . TYR B 2 8  ? -4.301  -0.308  -8.311  1.00 27.28 ? 349 TYR B HB3  1 
ATOM   615 H HD1  . TYR B 2 8  ? -1.635  -1.370  -6.266  1.00 25.17 ? 349 TYR B HD1  1 
ATOM   616 H HD2  . TYR B 2 8  ? -2.774  -0.809  -10.053 1.00 30.95 ? 349 TYR B HD2  1 
ATOM   617 H HE1  . TYR B 2 8  ? 0.245   -2.434  -6.978  1.00 25.69 ? 349 TYR B HE1  1 
ATOM   618 H HE2  . TYR B 2 8  ? -0.887  -1.877  -10.770 1.00 29.22 ? 349 TYR B HE2  1 
ATOM   619 H HH   . TYR B 2 8  ? 1.027   -2.925  -10.163 1.00 34.94 ? 349 TYR B HH   1 
ATOM   620 N N    . ALA B 2 9  ? -3.970  2.512   -9.162  1.00 22.71 ? 350 ALA B N    1 
ATOM   621 C CA   . ALA B 2 9  ? -3.670  3.323   -10.358 1.00 25.16 ? 350 ALA B CA   1 
ATOM   622 C C    . ALA B 2 9  ? -2.821  4.566   -10.062 1.00 25.78 ? 350 ALA B C    1 
ATOM   623 O O    . ALA B 2 9  ? -2.258  5.186   -10.992 1.00 28.12 ? 350 ALA B O    1 
ATOM   624 C CB   . ALA B 2 9  ? -4.945  3.743   -11.026 1.00 28.00 ? 350 ALA B CB   1 
ATOM   625 H H    . ALA B 2 9  ? -4.806  2.451   -8.969  1.00 27.25 ? 350 ALA B H    1 
ATOM   626 H HA   . ALA B 2 9  ? -3.176  2.774   -10.987 1.00 30.19 ? 350 ALA B HA   1 
ATOM   627 H HB1  . ALA B 2 9  ? -4.730  4.274   -11.809 1.00 33.60 ? 350 ALA B HB1  1 
ATOM   628 H HB2  . ALA B 2 9  ? -5.440  2.951   -11.289 1.00 33.60 ? 350 ALA B HB2  1 
ATOM   629 H HB3  . ALA B 2 9  ? -5.470  4.270   -10.403 1.00 33.60 ? 350 ALA B HB3  1 
ATOM   630 N N    . GLU B 2 10 ? -2.716  4.942   -8.791  1.00 23.45 ? 351 GLU B N    1 
ATOM   631 C CA   . GLU B 2 10 ? -1.971  6.139   -8.397  1.00 26.52 ? 351 GLU B CA   1 
ATOM   632 C C    . GLU B 2 10 ? -0.539  5.813   -8.023  1.00 29.56 ? 351 GLU B C    1 
ATOM   633 O O    . GLU B 2 10 ? 0.231   6.709   -7.655  1.00 29.96 ? 351 GLU B O    1 
ATOM   634 C CB   . GLU B 2 10 ? -2.653  6.846   -7.224  1.00 25.05 ? 351 GLU B CB   1 
ATOM   635 C CG   . GLU B 2 10 ? -4.032  7.394   -7.537  1.00 24.21 ? 351 GLU B CG   1 
ATOM   636 C CD   . GLU B 2 10 ? -4.645  8.149   -6.362  1.00 27.74 ? 351 GLU B CD   1 
ATOM   637 O OE1  . GLU B 2 10 ? -4.219  9.297   -6.092  1.00 24.36 ? 351 GLU B OE1  1 
ATOM   638 O OE2  . GLU B 2 10 ? -5.560  7.592   -5.697  1.00 26.13 ? 351 GLU B OE2  1 
ATOM   639 H H    . GLU B 2 10 ? -3.069  4.519   -8.131  1.00 28.13 ? 351 GLU B H    1 
ATOM   640 H HA   . GLU B 2 10 ? -1.950  6.756   -9.146  1.00 31.82 ? 351 GLU B HA   1 
ATOM   641 H HB2  . GLU B 2 10 ? -2.745  6.216   -6.492  1.00 30.06 ? 351 GLU B HB2  1 
ATOM   642 H HB3  . GLU B 2 10 ? -2.097  7.591   -6.945  1.00 30.06 ? 351 GLU B HB3  1 
ATOM   643 H HG2  . GLU B 2 10 ? -3.967  8.005   -8.287  1.00 29.05 ? 351 GLU B HG2  1 
ATOM   644 H HG3  . GLU B 2 10 ? -4.621  6.656   -7.759  1.00 29.05 ? 351 GLU B HG3  1 
ATOM   645 N N    . VAL B 2 11 ? -0.189  4.538   -8.144  1.00 22.91 ? 352 VAL B N    1 
ATOM   646 C CA   . VAL B 2 11 ? 1.149   4.050   -7.849  1.00 28.21 ? 352 VAL B CA   1 
ATOM   647 C C    . VAL B 2 11 ? 1.944   3.961   -9.139  1.00 28.38 ? 352 VAL B C    1 
ATOM   648 O O    . VAL B 2 11 ? 2.912   4.690   -9.296  1.00 47.68 ? 352 VAL B O    1 
ATOM   649 C CB   . VAL B 2 11 ? 1.106   2.660   -7.163  1.00 31.29 ? 352 VAL B CB   1 
ATOM   650 C CG1  . VAL B 2 11 ? 2.492   2.184   -6.818  1.00 31.43 ? 352 VAL B CG1  1 
ATOM   651 C CG2  . VAL B 2 11 ? 0.239   2.702   -5.904  1.00 27.17 ? 352 VAL B CG2  1 
ATOM   652 H H    . VAL B 2 11 ? -0.728  3.920   -8.404  1.00 27.49 ? 352 VAL B H    1 
ATOM   653 H HA   . VAL B 2 11 ? 1.596   4.672   -7.254  1.00 33.85 ? 352 VAL B HA   1 
ATOM   654 H HB   . VAL B 2 11 ? 0.713   2.019   -7.775  1.00 37.55 ? 352 VAL B HB   1 
ATOM   655 H HG11 . VAL B 2 11 ? 2.430   1.314   -6.391  1.00 37.71 ? 352 VAL B HG11 1 
ATOM   656 H HG12 . VAL B 2 11 ? 3.014   2.116   -7.632  1.00 37.71 ? 352 VAL B HG12 1 
ATOM   657 H HG13 . VAL B 2 11 ? 2.903   2.820   -6.211  1.00 37.71 ? 352 VAL B HG13 1 
ATOM   658 H HG21 . VAL B 2 11 ? 0.230   1.821   -5.498  1.00 32.61 ? 352 VAL B HG21 1 
ATOM   659 H HG22 . VAL B 2 11 ? 0.612   3.349   -5.285  1.00 32.61 ? 352 VAL B HG22 1 
ATOM   660 H HG23 . VAL B 2 11 ? -0.663  2.961   -6.151  1.00 32.61 ? 352 VAL B HG23 1 
HETATM 661 C C    . GAI C 3 .  ? -5.262  -5.783  -0.097  0.51 23.50 ? 501 GAI A C    1 
HETATM 662 N N1   . GAI C 3 .  ? -6.085  -5.685  0.913   0.51 22.67 ? 501 GAI A N1   1 
HETATM 663 N N2   . GAI C 3 .  ? -4.578  -6.994  -0.358  0.51 22.39 ? 501 GAI A N2   1 
HETATM 664 N N3   . GAI C 3 .  ? -5.065  -4.658  -0.937  0.51 21.93 ? 501 GAI A N3   1 
HETATM 665 H HN1  . GAI C 3 .  ? -6.222  -6.401  1.461   0.51 27.20 ? 501 GAI A HN1  1 
HETATM 666 H HN21 . GAI C 3 .  ? -4.708  -7.716  0.185   0.51 26.86 ? 501 GAI A HN21 1 
HETATM 667 H HN22 . GAI C 3 .  ? -4.006  -7.052  -1.065  0.51 26.86 ? 501 GAI A HN22 1 
HETATM 668 H HN31 . GAI C 3 .  ? -4.494  -4.713  -1.645  0.51 26.32 ? 501 GAI A HN31 1 
HETATM 669 H HN32 . GAI C 3 .  ? -5.508  -3.880  -0.767  0.51 26.32 ? 501 GAI A HN32 1 
HETATM 670 C C    . GAI D 3 .  ? 7.386   7.752   0.267   1.00 32.60 ? 502 GAI A C    1 
HETATM 671 N N1   . GAI D 3 .  ? 7.772   6.388   0.224   1.00 40.66 ? 502 GAI A N1   1 
HETATM 672 N N2   . GAI D 3 .  ? 6.285   8.103   -0.301  1.00 39.22 ? 502 GAI A N2   1 
HETATM 673 N N3   . GAI D 3 .  ? 8.190   8.717   0.898   1.00 35.70 ? 502 GAI A N3   1 
HETATM 674 O O    . HOH E 4 .  ? 4.391   6.937   -4.924  1.00 38.16 ? 601 HOH A O    1 
HETATM 675 O O    . HOH E 4 .  ? 4.376   8.095   -2.147  1.00 36.32 ? 602 HOH A O    1 
HETATM 676 O O    . HOH E 4 .  ? -7.733  -2.655  5.382   1.00 21.63 ? 603 HOH A O    1 
HETATM 677 O O    . HOH E 4 .  ? -1.510  3.061   7.592   1.00 29.51 ? 604 HOH A O    1 
HETATM 678 O O    . HOH E 4 .  ? -0.306  -11.095 -0.732  1.00 32.67 ? 605 HOH A O    1 
HETATM 679 O O    . HOH E 4 .  ? -1.860  -8.311  8.903   1.00 37.17 ? 606 HOH A O    1 
HETATM 680 O O    . HOH E 4 .  ? 3.362   12.659  1.980   1.00 41.77 ? 607 HOH A O    1 
HETATM 681 O O    . HOH E 4 .  ? -3.865  11.341  1.360   1.00 39.15 ? 608 HOH A O    1 
HETATM 682 O O    . HOH E 4 .  ? -2.529  -4.720  10.282  1.00 33.56 ? 609 HOH A O    1 
HETATM 683 O O    . HOH E 4 .  ? 2.964   -12.648 -1.035  1.00 37.20 ? 610 HOH A O    1 
HETATM 684 O O    . HOH E 4 .  ? 2.737   -0.489  10.136  1.00 43.00 ? 611 HOH A O    1 
HETATM 685 O O    . HOH E 4 .  ? -8.801  0.585   -0.928  1.00 31.93 ? 612 HOH A O    1 
HETATM 686 O O    . HOH E 4 .  ? 8.680   3.791   0.084   1.00 37.18 ? 613 HOH A O    1 
HETATM 687 O O    . HOH E 4 .  ? 8.934   1.464   -4.219  1.00 36.78 ? 614 HOH A O    1 
HETATM 688 O O    . HOH E 4 .  ? -8.003  -0.102  1.432   0.50 35.02 ? 615 HOH A O    1 
HETATM 689 O O    . HOH E 4 .  ? 0.217   -6.445  -15.927 1.00 45.09 ? 616 HOH A O    1 
HETATM 690 O O    . HOH E 4 .  ? 1.783   -11.753 5.737   1.00 42.12 ? 617 HOH A O    1 
HETATM 691 O O    . HOH E 4 .  ? -6.398  -1.983  -9.969  1.00 42.61 ? 618 HOH A O    1 
HETATM 692 O O    . HOH E 4 .  ? 8.467   7.065   7.535   1.00 54.54 ? 619 HOH A O    1 
HETATM 693 O O    . HOH E 4 .  ? 2.319   -4.992  -17.268 1.00 40.33 ? 620 HOH A O    1 
HETATM 694 O O    . HOH E 4 .  ? -8.011  11.835  6.655   1.00 41.82 ? 621 HOH A O    1 
HETATM 695 O O    . HOH F 4 .  ? -8.939  3.471   -1.871  1.00 25.44 ? 401 HOH B O    1 
HETATM 696 O O    . HOH F 4 .  ? -8.491  6.662   -6.264  1.00 33.23 ? 402 HOH B O    1 
HETATM 697 O O    . HOH F 4 .  ? -5.316  8.807   0.385   1.00 33.48 ? 403 HOH B O    1 
HETATM 698 O O    . HOH F 4 .  ? -4.434  10.697  -3.892  1.00 38.85 ? 404 HOH B O    1 
HETATM 699 O O    . HOH F 4 .  ? -10.495 3.670   -4.098  1.00 36.99 ? 405 HOH B O    1 
HETATM 700 O O    . HOH F 4 .  ? 2.666   7.523   -7.049  1.00 37.48 ? 406 HOH B O    1 
HETATM 701 O O    . HOH F 4 .  ? 0.327   1.907   -11.009 1.00 45.97 ? 407 HOH B O    1 
HETATM 702 O O    . HOH F 4 .  ? -6.882  9.129   -3.433  1.00 43.18 ? 408 HOH B O    1 
HETATM 703 O O    . HOH F 4 .  ? -9.034  9.103   -0.852  1.00 39.51 ? 409 HOH B O    1 
HETATM 704 O O    . HOH F 4 .  ? 4.019   6.606   -9.858  1.00 45.97 ? 410 HOH B O    1 
# 
